data_2GA9
#
_entry.id   2GA9
#
_cell.length_a   70.050
_cell.length_b   91.690
_cell.length_c   133.700
_cell.angle_alpha   90.00
_cell.angle_beta   90.00
_cell.angle_gamma   90.00
#
_symmetry.space_group_name_H-M   'P 21 21 21'
#
loop_
_entity.id
_entity.type
_entity.pdbx_description
1 polymer "Cap-specific mRNA (nucleoside-2'-O-)-methyltransferase"
2 polymer 'Poly(A) polymerase catalytic subunit'
3 non-polymer 'CALCIUM ION'
4 non-polymer 'PHOSPHOTHIOPHOSPHORIC ACID-ADENYLATE ESTER'
5 water water
#
loop_
_entity_poly.entity_id
_entity_poly.type
_entity_poly.pdbx_seq_one_letter_code
_entity_poly.pdbx_strand_id
1 'polypeptide(L)'
;MDVVSLDKPFMYFEEIDNELDYEPESANEVAKKLPYQGQLKLLLGELFFLSKLQRHGILDGATVVYIGSAPGTHIRYLRD
HFYNLGVIIKWMLIDGRHHDPILNGLRDVTLVTRFVDEEYLRSIKKQLHPSKIILISDVASAAGGNEPSTADLLSNYALQ
NVMISILNPVASSLKWRCPFPDQWIKDFYIPHGNKMLQPFAPSYSAEMRLLSIYTGENMRLTRVTKSDAVNYEKKMYYLN
KIVRNKVVVNFDYPNQEYDYFHMYFMLRTVYCNKTFPTTKAKVLFLQQSIFRFLNIP
;
A
2 'polypeptide(L)'
;PNITLKIIETYLGRVPSVNEYHMLKSQARNIQKITVFNKDIFVSLVKKNKKRFFSDVNTSASEIKDRILSYFSKQTQTYN
IGKLFTIIELQSVLVTTYTDILGVLTIKAPNVISSKISYNVTSMEELARDMLNSMNVAVIDKAKVMGRHNVSSLVKNVNK
LMEEYLRRHNKSCICYGSYSLYLINPNIRYGDIDILQTNSRTFLIDLAFLIKFITGNNIILSKIPYLRNYMVIKDENDNH
IIDSFNIRQDTMNVVPKIFIDNIYIVDPTFQLLNMIKMFSQIDRLEDLSKDPEKFNARMATMLEYVRYTHGIVFDGKRNN
MPMKCIIDENNRIVTVTTKDYFSFKKCLVYLDENVLSSDILDLNADTSCDFESVTNSVYLIHDNIMYTYFSNTILLSDKG
KVHEISARGLCAHILLYQMLTSGEYKQCLSDLLNSMMNRDKIPIYSHTERDKKPGRHGFINIEKDIIVF
;
D
#
loop_
_chem_comp.id
_chem_comp.type
_chem_comp.name
_chem_comp.formula
AGS non-polymer 'PHOSPHOTHIOPHOSPHORIC ACID-ADENYLATE ESTER' 'C10 H16 N5 O12 P3 S'
CA non-polymer 'CALCIUM ION' 'Ca 2'
#
# COMPACT_ATOMS: atom_id res chain seq x y z
N MET A 1 42.25 14.71 4.53
CA MET A 1 42.85 13.84 3.47
C MET A 1 42.03 13.93 2.19
N ASP A 2 40.85 13.32 2.23
CA ASP A 2 39.92 13.32 1.10
C ASP A 2 38.59 12.74 1.61
N VAL A 3 38.15 13.29 2.72
CA VAL A 3 36.92 12.89 3.37
C VAL A 3 36.02 14.11 3.33
N VAL A 4 34.80 13.97 3.81
CA VAL A 4 33.86 15.07 3.80
C VAL A 4 32.72 14.75 4.74
N SER A 5 31.96 15.79 5.10
CA SER A 5 30.79 15.61 5.97
C SER A 5 29.60 16.23 5.24
N LEU A 6 28.51 15.49 5.18
CA LEU A 6 27.30 15.95 4.50
C LEU A 6 26.05 15.67 5.34
N ASP A 7 25.01 16.46 5.17
CA ASP A 7 23.79 16.25 5.92
C ASP A 7 23.03 15.10 5.27
N LYS A 8 23.23 14.95 3.96
CA LYS A 8 22.56 13.91 3.19
C LYS A 8 23.22 13.77 1.83
N PRO A 9 23.02 12.62 1.18
CA PRO A 9 23.62 12.47 -0.15
C PRO A 9 22.71 13.12 -1.17
N PHE A 10 23.20 13.27 -2.39
CA PHE A 10 22.43 13.83 -3.48
C PHE A 10 21.46 12.75 -3.99
N MET A 11 20.16 12.90 -3.71
CA MET A 11 19.15 11.92 -4.13
C MET A 11 18.66 12.11 -5.56
N TYR A 12 18.60 13.35 -6.01
CA TYR A 12 18.14 13.68 -7.35
C TYR A 12 19.12 14.62 -8.01
N PHE A 13 19.20 14.51 -9.34
CA PHE A 13 20.10 15.31 -10.16
C PHE A 13 20.03 16.80 -9.88
N GLU A 14 18.81 17.28 -9.69
CA GLU A 14 18.57 18.69 -9.44
C GLU A 14 19.25 19.21 -8.16
N GLU A 15 19.61 18.29 -7.27
CA GLU A 15 20.25 18.69 -6.02
C GLU A 15 21.73 18.97 -6.19
N ILE A 16 22.39 18.27 -7.11
CA ILE A 16 23.81 18.48 -7.35
C ILE A 16 24.06 19.97 -7.53
N ASP A 17 24.81 20.56 -6.58
CA ASP A 17 25.07 21.99 -6.59
C ASP A 17 26.44 22.46 -7.08
N ASN A 18 27.08 21.67 -7.92
CA ASN A 18 28.38 22.05 -8.42
C ASN A 18 28.65 21.36 -9.73
N GLU A 19 29.74 21.73 -10.40
CA GLU A 19 30.06 21.12 -11.68
C GLU A 19 31.55 21.10 -11.97
N LEU A 20 31.93 20.28 -12.93
CA LEU A 20 33.32 20.16 -13.32
C LEU A 20 33.33 19.83 -14.80
N ASP A 21 34.31 20.35 -15.53
CA ASP A 21 34.39 20.06 -16.95
C ASP A 21 34.80 18.60 -17.09
N TYR A 22 34.01 17.85 -17.84
CA TYR A 22 34.31 16.44 -18.07
C TYR A 22 35.72 16.31 -18.63
N GLU A 23 36.34 15.16 -18.39
CA GLU A 23 37.68 14.90 -18.89
C GLU A 23 37.74 13.48 -19.45
N PRO A 24 37.77 13.36 -20.78
CA PRO A 24 37.82 12.08 -21.50
C PRO A 24 38.69 11.01 -20.84
N GLU A 25 39.68 11.43 -20.06
CA GLU A 25 40.61 10.52 -19.39
C GLU A 25 39.98 9.75 -18.23
N SER A 26 38.83 10.21 -17.75
CA SER A 26 38.16 9.55 -16.63
C SER A 26 37.62 8.19 -17.07
N LYS A 33 33.38 -2.06 -9.43
CA LYS A 33 34.36 -2.71 -8.56
C LYS A 33 33.75 -3.91 -7.85
N LEU A 34 32.55 -3.73 -7.27
CA LEU A 34 31.87 -4.80 -6.56
C LEU A 34 31.33 -5.86 -7.50
N PRO A 35 31.27 -7.12 -7.05
CA PRO A 35 30.76 -8.21 -7.89
C PRO A 35 29.23 -8.11 -7.97
N TYR A 36 28.69 -8.18 -9.18
CA TYR A 36 27.24 -8.09 -9.41
C TYR A 36 26.76 -6.70 -9.00
N GLN A 37 27.62 -5.70 -9.15
CA GLN A 37 27.30 -4.34 -8.76
C GLN A 37 26.17 -3.75 -9.60
N GLY A 38 25.97 -4.30 -10.79
CA GLY A 38 24.91 -3.84 -11.67
C GLY A 38 23.56 -4.29 -11.15
N GLN A 39 23.52 -5.48 -10.56
CA GLN A 39 22.27 -5.99 -10.02
C GLN A 39 21.93 -5.21 -8.77
N LEU A 40 22.96 -4.81 -8.02
CA LEU A 40 22.76 -4.05 -6.79
C LEU A 40 22.22 -2.66 -7.15
N LYS A 41 22.73 -2.10 -8.25
CA LYS A 41 22.30 -0.78 -8.71
C LYS A 41 20.79 -0.77 -9.02
N LEU A 42 20.35 -1.76 -9.79
CA LEU A 42 18.95 -1.85 -10.17
C LEU A 42 18.09 -2.18 -8.94
N LEU A 43 18.53 -3.14 -8.13
CA LEU A 43 17.80 -3.54 -6.94
C LEU A 43 17.50 -2.35 -6.03
N LEU A 44 18.54 -1.58 -5.70
CA LEU A 44 18.36 -0.43 -4.84
C LEU A 44 17.40 0.61 -5.43
N GLY A 45 17.65 0.99 -6.69
CA GLY A 45 16.81 1.97 -7.35
C GLY A 45 15.35 1.57 -7.46
N GLU A 46 15.07 0.31 -7.78
CA GLU A 46 13.71 -0.16 -7.91
C GLU A 46 13.04 -0.34 -6.54
N LEU A 47 13.80 -0.84 -5.57
CA LEU A 47 13.29 -1.03 -4.23
C LEU A 47 12.85 0.35 -3.73
N PHE A 48 13.67 1.35 -4.03
CA PHE A 48 13.41 2.71 -3.63
C PHE A 48 12.15 3.24 -4.30
N PHE A 49 12.09 3.08 -5.62
CA PHE A 49 10.97 3.53 -6.42
C PHE A 49 9.65 2.87 -5.98
N LEU A 50 9.66 1.55 -5.88
CA LEU A 50 8.46 0.81 -5.48
C LEU A 50 8.03 1.12 -4.03
N SER A 51 9.00 1.34 -3.15
CA SER A 51 8.72 1.65 -1.75
C SER A 51 8.01 3.00 -1.68
N LYS A 52 8.43 3.93 -2.53
CA LYS A 52 7.82 5.26 -2.58
C LYS A 52 6.36 5.12 -3.03
N LEU A 53 6.11 4.23 -3.98
CA LEU A 53 4.76 4.00 -4.48
C LEU A 53 3.92 3.29 -3.41
N GLN A 54 4.56 2.43 -2.62
CA GLN A 54 3.87 1.73 -1.55
C GLN A 54 3.45 2.75 -0.50
N ARG A 55 4.40 3.62 -0.16
CA ARG A 55 4.23 4.67 0.83
C ARG A 55 3.06 5.58 0.50
N HIS A 56 3.00 6.00 -0.77
CA HIS A 56 1.94 6.90 -1.21
C HIS A 56 0.70 6.19 -1.72
N GLY A 57 0.64 4.89 -1.44
CA GLY A 57 -0.53 4.10 -1.79
C GLY A 57 -0.83 3.74 -3.22
N ILE A 58 0.12 3.88 -4.14
CA ILE A 58 -0.22 3.52 -5.50
C ILE A 58 0.21 2.10 -5.87
N LEU A 59 1.13 1.53 -5.09
CA LEU A 59 1.61 0.17 -5.37
C LEU A 59 0.54 -0.89 -5.08
N ASP A 60 -0.30 -0.63 -4.09
CA ASP A 60 -1.37 -1.51 -3.65
C ASP A 60 -2.29 -2.00 -4.78
N GLY A 61 -2.19 -3.28 -5.11
CA GLY A 61 -3.01 -3.86 -6.16
C GLY A 61 -2.58 -3.54 -7.59
N ALA A 62 -1.37 -3.04 -7.78
CA ALA A 62 -0.91 -2.67 -9.13
C ALA A 62 -0.28 -3.80 -9.93
N THR A 63 -0.18 -3.57 -11.23
CA THR A 63 0.48 -4.52 -12.10
C THR A 63 1.74 -3.78 -12.50
N VAL A 64 2.87 -4.34 -12.10
CA VAL A 64 4.15 -3.77 -12.42
C VAL A 64 4.61 -4.37 -13.75
N VAL A 65 4.64 -3.53 -14.78
CA VAL A 65 5.06 -3.96 -16.10
C VAL A 65 6.51 -3.57 -16.27
N TYR A 66 7.38 -4.57 -16.36
CA TYR A 66 8.81 -4.34 -16.48
C TYR A 66 9.32 -4.68 -17.89
N ILE A 67 9.74 -3.67 -18.64
CA ILE A 67 10.26 -3.87 -20.00
C ILE A 67 11.79 -3.83 -20.00
N GLY A 68 12.40 -4.86 -20.59
CA GLY A 68 13.85 -4.95 -20.64
C GLY A 68 14.36 -5.41 -19.29
N SER A 69 13.62 -6.32 -18.68
CA SER A 69 13.94 -6.84 -17.35
C SER A 69 14.90 -8.02 -17.22
N ALA A 70 15.25 -8.68 -18.32
CA ALA A 70 16.14 -9.84 -18.23
C ALA A 70 17.61 -9.48 -18.00
N PRO A 71 18.36 -10.33 -17.28
CA PRO A 71 17.92 -11.60 -16.68
C PRO A 71 16.99 -11.39 -15.48
N GLY A 72 17.07 -10.21 -14.86
CA GLY A 72 16.21 -9.88 -13.75
C GLY A 72 16.30 -10.64 -12.44
N THR A 73 17.49 -11.16 -12.13
CA THR A 73 17.69 -11.90 -10.89
C THR A 73 17.24 -11.08 -9.68
N HIS A 74 17.68 -9.82 -9.62
CA HIS A 74 17.32 -8.95 -8.51
C HIS A 74 15.81 -8.78 -8.30
N ILE A 75 15.03 -8.91 -9.37
CA ILE A 75 13.59 -8.78 -9.29
C ILE A 75 12.95 -9.83 -8.36
N ARG A 76 13.60 -10.98 -8.19
CA ARG A 76 13.05 -12.01 -7.32
C ARG A 76 13.11 -11.54 -5.86
N TYR A 77 14.07 -10.67 -5.56
CA TYR A 77 14.20 -10.13 -4.20
C TYR A 77 13.08 -9.13 -3.94
N LEU A 78 12.85 -8.24 -4.90
CA LEU A 78 11.81 -7.22 -4.77
C LEU A 78 10.46 -7.90 -4.59
N ARG A 79 10.23 -8.92 -5.42
CA ARG A 79 8.99 -9.67 -5.38
C ARG A 79 8.71 -10.33 -4.03
N ASP A 80 9.72 -10.90 -3.40
CA ASP A 80 9.54 -11.54 -2.08
C ASP A 80 9.38 -10.48 -0.99
N HIS A 81 10.10 -9.37 -1.12
CA HIS A 81 10.03 -8.28 -0.16
C HIS A 81 8.59 -7.79 0.00
N PHE A 82 8.00 -7.37 -1.11
CA PHE A 82 6.63 -6.87 -1.09
C PHE A 82 5.62 -7.98 -0.78
N TYR A 83 5.90 -9.17 -1.28
CA TYR A 83 5.01 -10.30 -1.03
C TYR A 83 4.92 -10.52 0.48
N ASN A 84 6.05 -10.46 1.17
CA ASN A 84 6.10 -10.66 2.62
C ASN A 84 5.52 -9.50 3.41
N LEU A 85 5.39 -8.33 2.78
CA LEU A 85 4.78 -7.18 3.42
C LEU A 85 3.28 -7.26 3.18
N GLY A 86 2.86 -8.28 2.44
CA GLY A 86 1.45 -8.45 2.16
C GLY A 86 0.91 -7.48 1.12
N VAL A 87 1.78 -6.94 0.28
CA VAL A 87 1.32 -6.02 -0.76
C VAL A 87 0.94 -6.87 -1.95
N ILE A 88 -0.27 -6.70 -2.45
CA ILE A 88 -0.72 -7.46 -3.60
C ILE A 88 -0.22 -6.80 -4.87
N ILE A 89 0.53 -7.57 -5.63
CA ILE A 89 1.11 -7.06 -6.87
C ILE A 89 1.11 -8.13 -7.95
N LYS A 90 0.98 -7.69 -9.19
CA LYS A 90 1.05 -8.60 -10.31
C LYS A 90 2.28 -8.13 -11.08
N TRP A 91 3.26 -9.01 -11.25
CA TRP A 91 4.48 -8.64 -11.97
C TRP A 91 4.43 -9.16 -13.41
N MET A 92 4.71 -8.30 -14.37
CA MET A 92 4.74 -8.74 -15.76
C MET A 92 6.10 -8.35 -16.31
N LEU A 93 6.97 -9.34 -16.43
CA LEU A 93 8.34 -9.13 -16.88
C LEU A 93 8.45 -9.44 -18.37
N ILE A 94 8.83 -8.42 -19.15
CA ILE A 94 8.94 -8.55 -20.60
C ILE A 94 10.32 -8.22 -21.16
N ASP A 95 10.85 -9.12 -22.00
CA ASP A 95 12.15 -8.90 -22.60
C ASP A 95 12.40 -9.76 -23.84
N GLY A 96 13.21 -9.23 -24.75
CA GLY A 96 13.54 -9.98 -25.95
C GLY A 96 14.31 -11.24 -25.59
N ARG A 97 14.90 -11.24 -24.40
CA ARG A 97 15.67 -12.38 -23.92
C ARG A 97 15.06 -12.98 -22.66
N HIS A 98 15.50 -14.19 -22.32
CA HIS A 98 15.01 -14.92 -21.17
C HIS A 98 15.49 -14.40 -19.82
N HIS A 99 14.64 -14.58 -18.81
CA HIS A 99 14.93 -14.16 -17.44
C HIS A 99 15.52 -15.29 -16.61
N ASP A 100 16.16 -14.93 -15.50
CA ASP A 100 16.74 -15.90 -14.58
C ASP A 100 15.64 -16.86 -14.12
N PRO A 101 15.93 -18.17 -14.11
CA PRO A 101 15.01 -19.24 -13.71
C PRO A 101 14.34 -19.06 -12.34
N ILE A 102 14.98 -18.33 -11.42
CA ILE A 102 14.38 -18.12 -10.10
C ILE A 102 13.07 -17.35 -10.18
N LEU A 103 12.77 -16.80 -11.35
CA LEU A 103 11.54 -16.06 -11.53
C LEU A 103 10.44 -16.98 -12.07
N ASN A 104 10.79 -18.23 -12.39
CA ASN A 104 9.81 -19.19 -12.87
C ASN A 104 9.01 -19.82 -11.75
N GLY A 105 7.88 -20.42 -12.10
CA GLY A 105 7.03 -21.09 -11.11
C GLY A 105 6.38 -20.22 -10.06
N LEU A 106 6.17 -18.95 -10.36
CA LEU A 106 5.53 -18.03 -9.43
C LEU A 106 4.22 -17.54 -10.05
N ARG A 107 3.11 -17.84 -9.39
CA ARG A 107 1.79 -17.48 -9.89
C ARG A 107 1.56 -15.97 -10.09
N ASP A 108 2.26 -15.15 -9.32
CA ASP A 108 2.11 -13.71 -9.43
C ASP A 108 3.08 -13.03 -10.39
N VAL A 109 3.89 -13.81 -11.11
CA VAL A 109 4.81 -13.21 -12.05
C VAL A 109 4.74 -13.86 -13.42
N THR A 110 4.45 -13.05 -14.43
CA THR A 110 4.35 -13.54 -15.79
C THR A 110 5.61 -13.21 -16.55
N LEU A 111 6.21 -14.24 -17.15
CA LEU A 111 7.43 -14.04 -17.91
C LEU A 111 7.08 -14.06 -19.40
N VAL A 112 7.39 -12.96 -20.07
CA VAL A 112 7.13 -12.86 -21.49
C VAL A 112 8.43 -12.61 -22.22
N THR A 113 8.72 -13.48 -23.19
CA THR A 113 9.92 -13.38 -23.99
C THR A 113 9.51 -12.89 -25.37
N ARG A 114 9.88 -11.65 -25.67
CA ARG A 114 9.50 -11.04 -26.93
C ARG A 114 9.97 -9.60 -26.94
N PHE A 115 10.23 -9.05 -28.11
CA PHE A 115 10.67 -7.67 -28.22
C PHE A 115 9.42 -6.80 -28.38
N VAL A 116 9.33 -5.75 -27.59
CA VAL A 116 8.17 -4.90 -27.64
C VAL A 116 8.18 -3.87 -28.76
N ASP A 117 6.99 -3.62 -29.29
CA ASP A 117 6.76 -2.64 -30.34
C ASP A 117 5.41 -2.04 -30.01
N GLU A 118 4.97 -1.06 -30.80
CA GLU A 118 3.69 -0.39 -30.56
C GLU A 118 2.54 -1.38 -30.51
N GLU A 119 2.46 -2.26 -31.50
CA GLU A 119 1.40 -3.25 -31.59
C GLU A 119 1.25 -4.08 -30.32
N TYR A 120 2.36 -4.60 -29.82
CA TYR A 120 2.34 -5.43 -28.62
C TYR A 120 1.91 -4.64 -27.40
N LEU A 121 2.44 -3.43 -27.25
CA LEU A 121 2.08 -2.59 -26.12
C LEU A 121 0.56 -2.41 -26.08
N ARG A 122 -0.05 -2.10 -27.22
CA ARG A 122 -1.50 -1.94 -27.25
C ARG A 122 -2.20 -3.23 -26.81
N SER A 123 -1.64 -4.37 -27.22
CA SER A 123 -2.20 -5.68 -26.90
C SER A 123 -2.30 -5.98 -25.40
N ILE A 124 -1.22 -5.74 -24.66
CA ILE A 124 -1.25 -6.03 -23.22
C ILE A 124 -2.03 -4.99 -22.45
N LYS A 125 -2.13 -3.79 -23.01
CA LYS A 125 -2.90 -2.75 -22.36
C LYS A 125 -4.37 -3.18 -22.33
N LYS A 126 -4.86 -3.73 -23.46
CA LYS A 126 -6.25 -4.21 -23.53
C LYS A 126 -6.43 -5.36 -22.57
N GLN A 127 -5.42 -6.22 -22.53
CA GLN A 127 -5.42 -7.39 -21.66
C GLN A 127 -5.40 -7.05 -20.17
N LEU A 128 -4.59 -6.06 -19.80
CA LEU A 128 -4.44 -5.66 -18.41
C LEU A 128 -5.57 -4.77 -17.89
N HIS A 129 -6.10 -3.93 -18.77
CA HIS A 129 -7.16 -3.02 -18.40
C HIS A 129 -8.30 -3.76 -17.68
N PRO A 130 -8.89 -3.16 -16.64
CA PRO A 130 -8.58 -1.85 -16.04
C PRO A 130 -7.51 -1.80 -14.95
N SER A 131 -6.59 -2.77 -14.94
CA SER A 131 -5.52 -2.79 -13.94
C SER A 131 -4.66 -1.53 -13.89
N LYS A 132 -4.38 -1.08 -12.68
CA LYS A 132 -3.54 0.09 -12.45
C LYS A 132 -2.15 -0.39 -12.88
N ILE A 133 -1.51 0.33 -13.79
CA ILE A 133 -0.19 -0.08 -14.28
C ILE A 133 1.01 0.76 -13.82
N ILE A 134 2.05 0.09 -13.35
CA ILE A 134 3.28 0.75 -12.95
C ILE A 134 4.32 0.24 -13.93
N LEU A 135 4.97 1.17 -14.63
CA LEU A 135 5.97 0.83 -15.62
C LEU A 135 7.42 1.09 -15.20
N ILE A 136 8.29 0.13 -15.49
CA ILE A 136 9.71 0.24 -15.19
C ILE A 136 10.40 -0.18 -16.51
N SER A 137 11.18 0.73 -17.07
CA SER A 137 11.87 0.46 -18.31
C SER A 137 13.38 0.53 -18.17
N ASP A 138 14.04 -0.53 -18.64
CA ASP A 138 15.50 -0.63 -18.59
C ASP A 138 15.98 -1.14 -19.95
N VAL A 139 15.29 -0.69 -21.01
CA VAL A 139 15.61 -1.11 -22.37
C VAL A 139 16.97 -0.62 -22.88
N ALA A 140 17.67 -1.53 -23.58
CA ALA A 140 18.97 -1.24 -24.15
C ALA A 140 18.84 -1.36 -25.68
N SER A 141 19.89 -1.84 -26.33
CA SER A 141 19.87 -2.01 -27.79
C SER A 141 20.83 -3.09 -28.24
N GLY A 145 29.42 -4.21 -26.85
CA GLY A 145 28.87 -3.40 -27.91
C GLY A 145 29.17 -1.92 -27.67
N ASN A 146 30.23 -1.64 -26.92
CA ASN A 146 30.67 -0.28 -26.65
C ASN A 146 29.56 0.55 -26.02
N GLU A 147 29.59 1.86 -26.21
CA GLU A 147 28.57 2.75 -25.67
C GLU A 147 27.54 3.09 -26.74
N PRO A 148 26.23 2.95 -26.41
CA PRO A 148 25.17 3.28 -27.35
C PRO A 148 25.39 4.63 -28.07
N SER A 149 24.98 4.68 -29.34
CA SER A 149 25.09 5.88 -30.12
C SER A 149 23.94 6.75 -29.70
N THR A 150 24.00 8.04 -30.04
CA THR A 150 22.94 8.96 -29.68
C THR A 150 21.66 8.58 -30.39
N ALA A 151 21.80 8.06 -31.61
CA ALA A 151 20.64 7.62 -32.39
C ALA A 151 19.94 6.44 -31.74
N ASP A 152 20.71 5.56 -31.08
CA ASP A 152 20.11 4.42 -30.43
C ASP A 152 19.36 4.91 -29.18
N LEU A 153 19.98 5.84 -28.45
CA LEU A 153 19.37 6.40 -27.25
C LEU A 153 18.07 7.11 -27.58
N LEU A 154 18.07 7.90 -28.65
CA LEU A 154 16.87 8.61 -29.06
C LEU A 154 15.78 7.63 -29.44
N SER A 155 16.15 6.56 -30.14
CA SER A 155 15.18 5.55 -30.52
C SER A 155 14.59 4.98 -29.24
N ASN A 156 15.45 4.78 -28.25
CA ASN A 156 15.04 4.24 -26.95
C ASN A 156 14.07 5.16 -26.19
N TYR A 157 14.34 6.46 -26.17
CA TYR A 157 13.47 7.38 -25.46
C TYR A 157 12.14 7.59 -26.20
N ALA A 158 12.17 7.43 -27.52
CA ALA A 158 10.95 7.54 -28.31
C ALA A 158 10.06 6.38 -27.90
N LEU A 159 10.65 5.20 -27.79
CA LEU A 159 9.90 4.00 -27.41
C LEU A 159 9.36 4.08 -25.99
N GLN A 160 10.15 4.62 -25.07
CA GLN A 160 9.69 4.74 -23.69
C GLN A 160 8.48 5.66 -23.64
N ASN A 161 8.47 6.71 -24.47
CA ASN A 161 7.35 7.64 -24.50
C ASN A 161 6.13 6.90 -25.03
N VAL A 162 6.35 6.04 -26.02
CA VAL A 162 5.27 5.25 -26.61
C VAL A 162 4.66 4.34 -25.54
N MET A 163 5.51 3.76 -24.70
CA MET A 163 5.07 2.89 -23.60
C MET A 163 4.13 3.66 -22.69
N ILE A 164 4.55 4.86 -22.27
CA ILE A 164 3.75 5.70 -21.39
C ILE A 164 2.40 6.06 -22.05
N SER A 165 2.45 6.60 -23.25
CA SER A 165 1.22 7.01 -23.93
C SER A 165 0.22 5.88 -24.13
N ILE A 166 0.70 4.66 -24.38
CA ILE A 166 -0.20 3.51 -24.59
C ILE A 166 -0.68 2.87 -23.28
N LEU A 167 0.29 2.53 -22.43
CA LEU A 167 0.04 1.86 -21.17
C LEU A 167 -0.63 2.72 -20.10
N ASN A 168 -0.56 4.04 -20.26
CA ASN A 168 -1.14 4.99 -19.31
C ASN A 168 -0.89 4.59 -17.86
N PRO A 169 0.38 4.45 -17.48
CA PRO A 169 0.72 4.06 -16.11
C PRO A 169 0.46 5.16 -15.08
N VAL A 170 0.24 4.78 -13.83
CA VAL A 170 0.02 5.75 -12.76
C VAL A 170 1.39 6.29 -12.33
N ALA A 171 2.46 5.53 -12.61
CA ALA A 171 3.81 5.94 -12.26
C ALA A 171 4.83 5.15 -13.06
N SER A 172 5.99 5.74 -13.29
CA SER A 172 7.03 5.05 -14.04
C SER A 172 8.44 5.40 -13.61
N SER A 173 9.34 4.46 -13.90
CA SER A 173 10.76 4.59 -13.65
C SER A 173 11.42 4.27 -15.00
N LEU A 174 12.03 5.27 -15.61
CA LEU A 174 12.67 5.09 -16.91
C LEU A 174 14.18 5.35 -16.89
N LYS A 175 14.90 4.47 -17.56
CA LYS A 175 16.33 4.57 -17.73
C LYS A 175 16.56 5.93 -18.40
N TRP A 176 17.43 6.75 -17.84
CA TRP A 176 17.66 8.08 -18.42
C TRP A 176 19.13 8.46 -18.42
N ARG A 177 19.70 8.52 -19.60
CA ARG A 177 21.10 8.91 -19.77
C ARG A 177 21.12 9.84 -20.97
N CYS A 178 21.37 11.11 -20.72
CA CYS A 178 21.40 12.12 -21.75
C CYS A 178 22.56 11.97 -22.73
N PRO A 179 22.26 12.06 -24.04
CA PRO A 179 23.32 11.96 -25.05
C PRO A 179 24.43 12.97 -24.71
N PHE A 180 25.69 12.56 -24.91
CA PHE A 180 26.80 13.45 -24.62
C PHE A 180 26.79 14.63 -25.61
N PRO A 181 27.13 15.82 -25.12
CA PRO A 181 27.20 17.10 -25.84
C PRO A 181 27.82 16.98 -27.23
N ASP A 182 29.05 16.49 -27.24
CA ASP A 182 29.81 16.30 -28.47
C ASP A 182 29.21 15.26 -29.41
N GLN A 183 28.11 14.64 -29.03
CA GLN A 183 27.48 13.65 -29.88
C GLN A 183 25.98 13.95 -30.08
N TRP A 184 25.64 15.22 -29.95
CA TRP A 184 24.26 15.67 -30.11
C TRP A 184 23.75 15.48 -31.54
N ILE A 185 22.48 15.13 -31.66
CA ILE A 185 21.84 14.96 -32.97
C ILE A 185 20.80 16.07 -33.05
N LYS A 186 19.77 15.94 -32.22
CA LYS A 186 18.69 16.90 -32.17
C LYS A 186 18.03 16.84 -30.80
N ASP A 187 17.23 17.86 -30.49
CA ASP A 187 16.52 17.91 -29.23
C ASP A 187 15.42 16.85 -29.24
N PHE A 188 15.01 16.40 -28.06
CA PHE A 188 13.94 15.41 -27.92
C PHE A 188 13.17 15.66 -26.62
N TYR A 189 12.13 14.87 -26.38
CA TYR A 189 11.31 15.05 -25.20
C TYR A 189 11.22 13.83 -24.30
N ILE A 190 11.02 14.08 -23.01
CA ILE A 190 10.88 13.01 -22.04
C ILE A 190 9.85 13.45 -21.00
N PRO A 191 9.24 12.48 -20.31
CA PRO A 191 8.22 12.83 -19.31
C PRO A 191 8.79 13.73 -18.22
N HIS A 192 7.94 14.54 -17.63
CA HIS A 192 8.37 15.37 -16.52
C HIS A 192 8.60 14.37 -15.40
N GLY A 193 9.56 14.65 -14.52
CA GLY A 193 9.80 13.73 -13.43
C GLY A 193 11.05 14.04 -12.64
N ASN A 194 11.31 13.26 -11.61
CA ASN A 194 12.52 13.42 -10.79
C ASN A 194 13.59 12.49 -11.31
N LYS A 195 14.80 13.02 -11.43
CA LYS A 195 15.90 12.23 -11.93
C LYS A 195 16.72 11.71 -10.75
N MET A 196 16.36 10.51 -10.31
CA MET A 196 16.99 9.83 -9.18
C MET A 196 18.43 9.35 -9.49
N LEU A 197 19.36 9.74 -8.63
CA LEU A 197 20.74 9.31 -8.79
C LEU A 197 20.83 7.85 -8.34
N GLN A 198 21.76 7.10 -8.91
CA GLN A 198 21.90 5.68 -8.58
C GLN A 198 23.18 5.27 -7.87
N PRO A 199 23.09 4.88 -6.59
CA PRO A 199 24.33 4.47 -5.94
C PRO A 199 24.79 3.15 -6.58
N PHE A 200 26.10 2.92 -6.55
CA PHE A 200 26.72 1.72 -7.11
C PHE A 200 26.67 1.60 -8.62
N ALA A 201 26.37 2.71 -9.29
CA ALA A 201 26.36 2.73 -10.74
C ALA A 201 27.84 2.80 -11.14
N PRO A 202 28.18 2.53 -12.40
CA PRO A 202 29.59 2.60 -12.81
C PRO A 202 30.27 3.92 -12.40
N SER A 203 31.59 3.87 -12.22
CA SER A 203 32.39 5.02 -11.79
C SER A 203 32.12 6.36 -12.47
N TYR A 204 31.95 6.37 -13.79
CA TYR A 204 31.69 7.62 -14.49
C TYR A 204 30.38 7.63 -15.26
N SER A 205 29.46 6.79 -14.81
CA SER A 205 28.14 6.69 -15.42
C SER A 205 27.36 7.99 -15.23
N ALA A 206 26.68 8.42 -16.28
CA ALA A 206 25.89 9.63 -16.21
C ALA A 206 24.42 9.20 -16.21
N GLU A 207 24.22 7.89 -16.04
CA GLU A 207 22.88 7.32 -16.03
C GLU A 207 22.12 7.55 -14.74
N MET A 208 20.83 7.81 -14.88
CA MET A 208 19.95 8.01 -13.74
C MET A 208 18.58 7.43 -14.03
N ARG A 209 17.69 7.53 -13.06
CA ARG A 209 16.36 6.98 -13.19
C ARG A 209 15.29 8.08 -13.09
N LEU A 210 14.58 8.30 -14.20
CA LEU A 210 13.52 9.30 -14.24
C LEU A 210 12.25 8.70 -13.66
N LEU A 211 11.83 9.24 -12.51
CA LEU A 211 10.66 8.76 -11.78
C LEU A 211 9.48 9.73 -11.94
N SER A 212 8.37 9.21 -12.44
CA SER A 212 7.19 10.05 -12.65
C SER A 212 5.92 9.48 -12.01
N ILE A 213 5.10 10.38 -11.49
CA ILE A 213 3.82 10.01 -10.91
C ILE A 213 2.86 10.89 -11.71
N TYR A 214 2.12 10.26 -12.60
CA TYR A 214 1.18 10.95 -13.47
C TYR A 214 -0.08 11.50 -12.84
N THR A 215 -0.51 12.64 -13.37
CA THR A 215 -1.69 13.34 -12.89
C THR A 215 -2.79 13.33 -13.94
N GLY A 216 -3.70 12.37 -13.81
CA GLY A 216 -4.79 12.26 -14.75
C GLY A 216 -4.30 12.06 -16.17
N GLU A 217 -5.00 12.66 -17.11
CA GLU A 217 -4.70 12.53 -18.53
C GLU A 217 -3.61 13.50 -19.00
N ASN A 218 -2.82 14.02 -18.07
CA ASN A 218 -1.79 14.99 -18.43
C ASN A 218 -0.35 14.46 -18.51
N MET A 219 0.02 13.89 -19.64
CA MET A 219 1.39 13.42 -19.77
C MET A 219 2.15 14.72 -19.97
N ARG A 220 3.02 15.07 -19.03
CA ARG A 220 3.79 16.30 -19.16
C ARG A 220 5.07 15.98 -19.91
N LEU A 221 5.34 16.70 -20.98
CA LEU A 221 6.56 16.46 -21.76
C LEU A 221 7.47 17.68 -21.79
N THR A 222 8.72 17.50 -21.38
CA THR A 222 9.68 18.59 -21.39
C THR A 222 10.79 18.30 -22.39
N ARG A 223 11.29 19.36 -23.01
CA ARG A 223 12.34 19.27 -24.01
C ARG A 223 13.74 19.15 -23.41
N VAL A 224 14.59 18.38 -24.05
CA VAL A 224 15.97 18.23 -23.61
C VAL A 224 16.79 18.86 -24.72
N THR A 225 17.65 19.82 -24.36
CA THR A 225 18.47 20.51 -25.35
C THR A 225 19.96 20.20 -25.18
N LYS A 226 20.74 20.58 -26.19
CA LYS A 226 22.16 20.35 -26.16
C LYS A 226 22.73 21.10 -24.95
N SER A 227 22.15 22.25 -24.63
CA SER A 227 22.59 23.04 -23.49
C SER A 227 22.38 22.22 -22.20
N ASP A 228 21.26 21.50 -22.14
CA ASP A 228 20.96 20.66 -20.98
C ASP A 228 21.97 19.52 -20.94
N ALA A 229 22.47 19.12 -22.11
CA ALA A 229 23.44 18.05 -22.21
C ALA A 229 24.76 18.47 -21.58
N VAL A 230 25.18 19.72 -21.84
CA VAL A 230 26.41 20.27 -21.27
C VAL A 230 26.29 20.17 -19.76
N ASN A 231 25.15 20.63 -19.26
CA ASN A 231 24.86 20.64 -17.83
C ASN A 231 24.86 19.22 -17.24
N TYR A 232 24.20 18.28 -17.92
CA TYR A 232 24.16 16.90 -17.41
C TYR A 232 25.58 16.34 -17.29
N GLU A 233 26.37 16.53 -18.33
CA GLU A 233 27.73 16.03 -18.34
C GLU A 233 28.60 16.62 -17.24
N LYS A 234 28.48 17.92 -17.00
CA LYS A 234 29.30 18.56 -15.98
C LYS A 234 28.86 18.21 -14.57
N LYS A 235 27.57 18.25 -14.31
CA LYS A 235 27.07 17.93 -12.99
C LYS A 235 27.46 16.50 -12.65
N MET A 236 27.16 15.56 -13.54
CA MET A 236 27.49 14.16 -13.29
C MET A 236 28.99 13.92 -13.14
N TYR A 237 29.80 14.64 -13.92
CA TYR A 237 31.23 14.46 -13.82
C TYR A 237 31.69 14.89 -12.43
N TYR A 238 31.18 16.03 -11.96
CA TYR A 238 31.53 16.53 -10.65
C TYR A 238 31.14 15.49 -9.61
N LEU A 239 29.93 14.98 -9.70
CA LEU A 239 29.43 13.96 -8.77
C LEU A 239 30.24 12.67 -8.78
N ASN A 240 30.62 12.21 -9.98
CA ASN A 240 31.38 10.99 -10.10
C ASN A 240 32.84 11.16 -9.70
N LYS A 241 33.42 12.29 -10.07
CA LYS A 241 34.82 12.56 -9.81
C LYS A 241 35.11 13.04 -8.39
N ILE A 242 34.32 13.99 -7.91
CA ILE A 242 34.53 14.54 -6.58
C ILE A 242 33.73 13.84 -5.48
N VAL A 243 32.42 14.03 -5.48
CA VAL A 243 31.55 13.46 -4.46
C VAL A 243 31.60 11.95 -4.22
N ARG A 244 31.46 11.15 -5.27
CA ARG A 244 31.45 9.70 -5.09
C ARG A 244 32.79 9.08 -4.66
N ASN A 245 33.86 9.87 -4.67
CA ASN A 245 35.16 9.35 -4.27
C ASN A 245 35.48 9.68 -2.82
N LYS A 246 34.53 10.30 -2.13
CA LYS A 246 34.74 10.71 -0.75
C LYS A 246 34.23 9.70 0.28
N VAL A 247 34.81 9.80 1.48
CA VAL A 247 34.39 8.98 2.61
C VAL A 247 33.62 10.01 3.43
N VAL A 248 32.42 9.66 3.88
CA VAL A 248 31.58 10.56 4.66
C VAL A 248 31.85 10.36 6.14
N VAL A 249 32.54 11.32 6.76
CA VAL A 249 32.93 11.22 8.17
C VAL A 249 31.83 11.25 9.23
N ASN A 250 30.76 11.99 8.98
CA ASN A 250 29.66 12.06 9.93
C ASN A 250 28.65 10.95 9.66
N PHE A 251 29.03 10.01 8.80
CA PHE A 251 28.18 8.88 8.48
C PHE A 251 28.62 7.70 9.36
N ASP A 252 27.90 7.49 10.45
CA ASP A 252 28.23 6.42 11.38
C ASP A 252 27.73 5.08 10.85
N TYR A 253 28.57 4.42 10.06
CA TYR A 253 28.23 3.16 9.44
C TYR A 253 29.50 2.32 9.21
N PRO A 254 29.37 0.98 9.11
CA PRO A 254 30.53 0.10 8.89
C PRO A 254 31.35 0.50 7.68
N ASN A 255 30.70 1.07 6.68
CA ASN A 255 31.39 1.55 5.49
C ASN A 255 30.94 2.98 5.27
N GLN A 256 31.88 3.91 5.37
CA GLN A 256 31.57 5.32 5.22
C GLN A 256 31.69 5.87 3.81
N GLU A 257 31.87 4.98 2.84
CA GLU A 257 31.96 5.38 1.44
C GLU A 257 30.66 6.06 1.02
N TYR A 258 30.77 7.10 0.21
CA TYR A 258 29.62 7.84 -0.27
C TYR A 258 28.49 6.93 -0.75
N ASP A 259 28.82 5.99 -1.63
CA ASP A 259 27.83 5.07 -2.15
C ASP A 259 27.02 4.37 -1.06
N TYR A 260 27.66 4.01 0.04
CA TYR A 260 26.96 3.36 1.15
C TYR A 260 26.09 4.38 1.89
N PHE A 261 26.57 5.62 1.95
CA PHE A 261 25.85 6.74 2.58
C PHE A 261 24.57 6.98 1.77
N HIS A 262 24.74 7.05 0.45
CA HIS A 262 23.64 7.25 -0.47
C HIS A 262 22.64 6.09 -0.30
N MET A 263 23.16 4.86 -0.34
CA MET A 263 22.34 3.66 -0.19
C MET A 263 21.52 3.71 1.09
N TYR A 264 22.14 4.20 2.16
CA TYR A 264 21.47 4.30 3.44
C TYR A 264 20.22 5.18 3.36
N PHE A 265 20.32 6.30 2.65
CA PHE A 265 19.15 7.16 2.55
C PHE A 265 18.07 6.56 1.66
N MET A 266 18.41 5.53 0.90
CA MET A 266 17.40 4.88 0.07
C MET A 266 16.72 3.80 0.92
N LEU A 267 17.54 2.94 1.52
CA LEU A 267 17.02 1.84 2.33
C LEU A 267 16.28 2.27 3.58
N ARG A 268 16.55 3.48 4.06
CA ARG A 268 15.88 3.94 5.26
C ARG A 268 14.40 4.21 4.97
N THR A 269 14.05 4.31 3.69
CA THR A 269 12.65 4.58 3.33
C THR A 269 11.89 3.28 3.08
N VAL A 270 12.60 2.16 3.10
CA VAL A 270 11.97 0.86 2.85
C VAL A 270 11.25 0.34 4.09
N TYR A 271 10.07 -0.25 3.88
CA TYR A 271 9.29 -0.80 4.98
C TYR A 271 9.72 -2.24 5.28
N CYS A 272 9.62 -2.62 6.55
CA CYS A 272 9.99 -3.95 6.99
C CYS A 272 9.08 -4.29 8.15
N ASN A 273 8.47 -5.47 8.15
CA ASN A 273 7.60 -5.81 9.25
C ASN A 273 8.35 -6.26 10.51
N LYS A 274 9.66 -6.46 10.39
CA LYS A 274 10.44 -6.81 11.55
C LYS A 274 10.69 -5.45 12.19
N THR A 275 10.68 -5.39 13.53
CA THR A 275 10.89 -4.12 14.22
C THR A 275 12.33 -3.99 14.70
N PHE A 276 12.92 -2.82 14.47
CA PHE A 276 14.30 -2.57 14.90
C PHE A 276 14.32 -1.37 15.84
N PRO A 277 15.34 -1.28 16.71
CA PRO A 277 15.51 -0.20 17.68
C PRO A 277 15.86 1.13 17.04
N THR A 278 16.73 1.07 16.03
CA THR A 278 17.16 2.27 15.34
C THR A 278 17.11 2.05 13.84
N THR A 279 17.05 3.17 13.11
CA THR A 279 17.02 3.15 11.65
C THR A 279 18.25 2.41 11.15
N LYS A 280 19.38 2.67 11.79
CA LYS A 280 20.64 2.06 11.41
C LYS A 280 20.55 0.55 11.44
N ALA A 281 19.97 0.02 12.50
CA ALA A 281 19.78 -1.41 12.65
C ALA A 281 18.93 -1.97 11.50
N LYS A 282 17.94 -1.19 11.06
CA LYS A 282 17.08 -1.61 9.96
C LYS A 282 17.84 -1.62 8.64
N VAL A 283 18.53 -0.52 8.35
CA VAL A 283 19.29 -0.43 7.12
C VAL A 283 20.38 -1.50 7.06
N LEU A 284 21.01 -1.77 8.20
CA LEU A 284 22.06 -2.78 8.27
C LEU A 284 21.49 -4.14 7.87
N PHE A 285 20.35 -4.46 8.45
CA PHE A 285 19.65 -5.72 8.17
C PHE A 285 19.29 -5.81 6.70
N LEU A 286 18.70 -4.75 6.17
CA LEU A 286 18.31 -4.75 4.77
C LEU A 286 19.52 -4.90 3.86
N GLN A 287 20.58 -4.14 4.15
CA GLN A 287 21.79 -4.23 3.35
C GLN A 287 22.34 -5.64 3.30
N GLN A 288 22.49 -6.28 4.47
CA GLN A 288 23.03 -7.63 4.55
C GLN A 288 22.14 -8.58 3.77
N SER A 289 20.84 -8.42 3.97
CA SER A 289 19.84 -9.25 3.30
C SER A 289 20.01 -9.15 1.78
N ILE A 290 20.23 -7.93 1.30
CA ILE A 290 20.42 -7.67 -0.12
C ILE A 290 21.75 -8.22 -0.64
N PHE A 291 22.83 -7.95 0.08
CA PHE A 291 24.15 -8.45 -0.32
C PHE A 291 24.18 -9.98 -0.29
N ARG A 292 23.55 -10.54 0.72
CA ARG A 292 23.47 -11.99 0.84
C ARG A 292 22.76 -12.53 -0.40
N PHE A 293 21.61 -11.95 -0.72
CA PHE A 293 20.84 -12.39 -1.88
C PHE A 293 21.59 -12.25 -3.20
N LEU A 294 22.37 -11.19 -3.33
CA LEU A 294 23.14 -10.93 -4.56
C LEU A 294 24.50 -11.60 -4.58
N ASN A 295 24.84 -12.28 -3.49
CA ASN A 295 26.11 -12.98 -3.38
C ASN A 295 27.29 -12.01 -3.35
N ILE A 296 27.09 -10.88 -2.70
CA ILE A 296 28.14 -9.89 -2.56
C ILE A 296 28.62 -9.98 -1.11
N PRO A 297 29.96 -10.07 -0.91
CA PRO A 297 30.53 -10.17 0.44
C PRO A 297 30.30 -8.92 1.28
N ASN B 2 16.14 -34.83 -8.83
CA ASN B 2 15.78 -36.25 -8.60
C ASN B 2 14.63 -36.38 -7.61
N ILE B 3 14.87 -36.03 -6.34
CA ILE B 3 13.81 -36.11 -5.32
C ILE B 3 12.65 -35.18 -5.65
N THR B 4 12.93 -34.18 -6.47
CA THR B 4 11.92 -33.22 -6.88
C THR B 4 10.85 -33.92 -7.70
N LEU B 5 11.30 -34.77 -8.63
CA LEU B 5 10.38 -35.49 -9.51
C LEU B 5 9.46 -36.38 -8.69
N LYS B 6 10.00 -37.09 -7.72
CA LYS B 6 9.17 -37.98 -6.90
C LYS B 6 8.16 -37.17 -6.08
N ILE B 7 8.55 -35.95 -5.69
CA ILE B 7 7.67 -35.06 -4.94
C ILE B 7 6.47 -34.69 -5.81
N ILE B 8 6.78 -34.15 -6.98
CA ILE B 8 5.79 -33.73 -7.95
C ILE B 8 4.90 -34.88 -8.42
N GLU B 9 5.48 -36.04 -8.69
CA GLU B 9 4.69 -37.17 -9.13
C GLU B 9 3.68 -37.59 -8.07
N THR B 10 4.13 -37.67 -6.82
CA THR B 10 3.23 -38.02 -5.73
C THR B 10 2.11 -36.97 -5.59
N TYR B 11 2.51 -35.70 -5.62
CA TYR B 11 1.54 -34.62 -5.50
C TYR B 11 0.45 -34.67 -6.57
N LEU B 12 0.86 -34.78 -7.82
CA LEU B 12 -0.08 -34.83 -8.94
C LEU B 12 -0.81 -36.18 -9.10
N GLY B 13 -0.32 -37.21 -8.41
CA GLY B 13 -0.95 -38.52 -8.52
C GLY B 13 -0.78 -39.10 -9.90
N ARG B 14 0.26 -38.67 -10.60
CA ARG B 14 0.58 -39.13 -11.93
C ARG B 14 2.02 -38.74 -12.22
N VAL B 15 2.50 -39.10 -13.41
CA VAL B 15 3.87 -38.76 -13.81
C VAL B 15 3.88 -37.38 -14.48
N PRO B 16 4.65 -36.44 -13.91
CA PRO B 16 4.77 -35.07 -14.42
C PRO B 16 5.17 -35.03 -15.90
N SER B 17 4.42 -34.28 -16.70
CA SER B 17 4.76 -34.15 -18.11
C SER B 17 6.02 -33.29 -18.10
N VAL B 18 6.66 -33.13 -19.26
CA VAL B 18 7.86 -32.32 -19.31
C VAL B 18 7.57 -30.94 -18.75
N ASN B 19 6.57 -30.29 -19.34
CA ASN B 19 6.17 -28.94 -18.94
C ASN B 19 5.85 -28.82 -17.45
N GLU B 20 5.11 -29.78 -16.91
CA GLU B 20 4.72 -29.75 -15.50
C GLU B 20 5.90 -29.88 -14.54
N TYR B 21 6.87 -30.73 -14.87
CA TYR B 21 8.03 -30.88 -13.98
C TYR B 21 8.83 -29.57 -13.98
N HIS B 22 8.88 -28.92 -15.14
CA HIS B 22 9.62 -27.67 -15.28
C HIS B 22 8.94 -26.52 -14.52
N MET B 23 7.62 -26.41 -14.68
CA MET B 23 6.84 -25.36 -14.03
C MET B 23 6.71 -25.51 -12.51
N LEU B 24 6.48 -26.74 -12.05
CA LEU B 24 6.32 -26.98 -10.62
C LEU B 24 7.63 -27.29 -9.90
N LYS B 25 8.68 -27.49 -10.68
CA LYS B 25 10.00 -27.82 -10.16
C LYS B 25 10.40 -26.97 -8.94
N SER B 26 10.31 -25.65 -9.08
CA SER B 26 10.68 -24.73 -8.01
C SER B 26 9.80 -24.75 -6.77
N GLN B 27 8.57 -25.23 -6.90
CA GLN B 27 7.65 -25.28 -5.76
C GLN B 27 7.78 -26.59 -4.98
N ALA B 28 8.72 -27.43 -5.39
CA ALA B 28 8.94 -28.75 -4.80
C ALA B 28 8.87 -28.78 -3.28
N ARG B 29 9.38 -27.73 -2.65
CA ARG B 29 9.43 -27.60 -1.21
C ARG B 29 8.04 -27.44 -0.57
N ASN B 30 7.26 -26.48 -1.08
CA ASN B 30 5.92 -26.24 -0.55
C ASN B 30 5.02 -27.41 -0.86
N ILE B 31 5.22 -28.03 -2.02
CA ILE B 31 4.41 -29.18 -2.41
C ILE B 31 4.60 -30.32 -1.41
N GLN B 32 5.84 -30.60 -1.03
CA GLN B 32 6.10 -31.66 -0.07
C GLN B 32 5.42 -31.32 1.26
N LYS B 33 5.46 -30.06 1.66
CA LYS B 33 4.81 -29.65 2.90
C LYS B 33 3.33 -30.03 2.81
N ILE B 34 2.73 -29.80 1.64
CA ILE B 34 1.33 -30.11 1.44
C ILE B 34 1.06 -31.61 1.57
N THR B 35 1.81 -32.42 0.84
CA THR B 35 1.65 -33.86 0.86
C THR B 35 1.80 -34.46 2.26
N VAL B 36 2.84 -34.02 2.96
CA VAL B 36 3.16 -34.49 4.31
C VAL B 36 2.14 -34.07 5.39
N PHE B 37 1.42 -32.98 5.12
CA PHE B 37 0.41 -32.47 6.04
C PHE B 37 -0.60 -33.60 6.32
N ASN B 38 -0.89 -33.84 7.60
CA ASN B 38 -1.88 -34.86 7.99
C ASN B 38 -3.31 -34.34 7.76
N LYS B 39 -3.98 -34.87 6.73
CA LYS B 39 -5.33 -34.43 6.41
C LYS B 39 -6.41 -34.87 7.39
N ASP B 40 -6.09 -35.82 8.26
CA ASP B 40 -7.08 -36.30 9.22
C ASP B 40 -7.25 -35.34 10.38
N ILE B 41 -6.14 -34.85 10.90
CA ILE B 41 -6.21 -33.91 12.01
C ILE B 41 -6.95 -32.67 11.56
N PHE B 42 -6.75 -32.29 10.30
CA PHE B 42 -7.41 -31.11 9.74
C PHE B 42 -8.93 -31.30 9.72
N VAL B 43 -9.39 -32.44 9.22
CA VAL B 43 -10.83 -32.74 9.18
C VAL B 43 -11.37 -32.63 10.60
N SER B 44 -10.58 -33.14 11.55
CA SER B 44 -10.94 -33.11 12.95
C SER B 44 -11.02 -31.65 13.40
N LEU B 45 -10.01 -30.85 13.04
CA LEU B 45 -10.00 -29.45 13.43
C LEU B 45 -11.22 -28.70 12.90
N VAL B 46 -11.49 -28.86 11.60
CA VAL B 46 -12.62 -28.19 10.98
C VAL B 46 -13.94 -28.59 11.63
N LYS B 47 -14.08 -29.87 11.95
CA LYS B 47 -15.31 -30.33 12.60
C LYS B 47 -15.48 -29.67 13.95
N LYS B 48 -14.42 -29.71 14.75
CA LYS B 48 -14.43 -29.14 16.08
C LYS B 48 -14.85 -27.68 16.00
N ASN B 49 -14.34 -27.00 14.99
CA ASN B 49 -14.67 -25.61 14.78
C ASN B 49 -16.15 -25.49 14.48
N LYS B 50 -16.63 -26.32 13.55
CA LYS B 50 -18.04 -26.28 13.17
C LYS B 50 -18.99 -26.40 14.35
N LYS B 51 -18.70 -27.29 15.28
CA LYS B 51 -19.57 -27.46 16.43
C LYS B 51 -19.59 -26.23 17.35
N ARG B 52 -18.45 -25.56 17.53
CA ARG B 52 -18.40 -24.40 18.42
C ARG B 52 -18.92 -23.11 17.81
N PHE B 53 -18.78 -22.94 16.49
CA PHE B 53 -19.23 -21.71 15.86
C PHE B 53 -20.30 -21.83 14.79
N PHE B 54 -20.52 -23.04 14.28
CA PHE B 54 -21.53 -23.24 13.25
C PHE B 54 -22.44 -24.43 13.50
N SER B 55 -22.77 -24.70 14.77
CA SER B 55 -23.64 -25.82 15.09
C SER B 55 -24.93 -25.82 14.28
N ASP B 56 -25.49 -24.63 14.06
CA ASP B 56 -26.74 -24.50 13.32
C ASP B 56 -26.64 -24.79 11.83
N VAL B 57 -25.45 -25.18 11.36
CA VAL B 57 -25.24 -25.51 9.96
C VAL B 57 -25.45 -27.02 9.82
N ASN B 58 -26.49 -27.42 9.10
CA ASN B 58 -26.78 -28.84 8.95
C ASN B 58 -26.09 -29.50 7.76
N THR B 59 -24.97 -30.15 8.07
CA THR B 59 -24.16 -30.85 7.08
C THR B 59 -23.49 -32.04 7.75
N SER B 60 -23.32 -33.11 7.00
CA SER B 60 -22.70 -34.35 7.49
C SER B 60 -21.22 -34.18 7.80
N ALA B 61 -20.77 -34.82 8.87
CA ALA B 61 -19.35 -34.77 9.20
C ALA B 61 -18.67 -35.47 8.02
N SER B 62 -19.46 -36.32 7.37
CA SER B 62 -19.02 -37.08 6.19
C SER B 62 -18.96 -36.14 4.99
N GLU B 63 -19.90 -35.22 4.97
CA GLU B 63 -20.03 -34.22 3.92
C GLU B 63 -18.84 -33.27 4.00
N ILE B 64 -18.41 -32.99 5.22
CA ILE B 64 -17.27 -32.11 5.48
C ILE B 64 -15.99 -32.79 5.01
N LYS B 65 -15.82 -34.03 5.44
CA LYS B 65 -14.65 -34.82 5.11
C LYS B 65 -14.41 -34.90 3.61
N ASP B 66 -15.46 -35.22 2.86
CA ASP B 66 -15.32 -35.33 1.41
C ASP B 66 -14.87 -34.02 0.77
N ARG B 67 -15.49 -32.91 1.18
CA ARG B 67 -15.13 -31.63 0.62
C ARG B 67 -13.63 -31.37 0.84
N ILE B 68 -13.19 -31.59 2.06
CA ILE B 68 -11.81 -31.38 2.42
C ILE B 68 -10.85 -32.28 1.64
N LEU B 69 -11.01 -33.60 1.80
CA LEU B 69 -10.11 -34.52 1.11
C LEU B 69 -10.15 -34.28 -0.40
N SER B 70 -11.32 -33.89 -0.91
CA SER B 70 -11.44 -33.61 -2.33
C SER B 70 -10.52 -32.46 -2.72
N TYR B 71 -10.48 -31.42 -1.90
CA TYR B 71 -9.64 -30.28 -2.22
C TYR B 71 -8.15 -30.63 -2.15
N PHE B 72 -7.76 -31.40 -1.14
CA PHE B 72 -6.35 -31.74 -1.04
C PHE B 72 -5.86 -32.72 -2.11
N SER B 73 -6.73 -33.13 -3.01
CA SER B 73 -6.36 -34.05 -4.10
C SER B 73 -6.82 -33.53 -5.46
N LYS B 74 -7.35 -32.32 -5.52
CA LYS B 74 -7.82 -31.86 -6.80
C LYS B 74 -6.69 -31.51 -7.77
N GLN B 75 -5.45 -31.66 -7.35
CA GLN B 75 -4.31 -31.42 -8.23
C GLN B 75 -4.27 -32.59 -9.18
N THR B 76 -4.53 -33.78 -8.62
CA THR B 76 -4.50 -35.03 -9.37
C THR B 76 -5.46 -35.06 -10.54
N GLN B 77 -6.32 -34.04 -10.63
CA GLN B 77 -7.30 -33.94 -11.71
C GLN B 77 -7.21 -32.62 -12.44
N THR B 78 -6.20 -31.83 -12.13
CA THR B 78 -6.02 -30.53 -12.77
C THR B 78 -4.76 -30.59 -13.63
N TYR B 79 -4.88 -30.20 -14.89
CA TYR B 79 -3.72 -30.23 -15.79
C TYR B 79 -3.26 -28.85 -16.24
N ASN B 80 -4.14 -27.86 -16.12
CA ASN B 80 -3.79 -26.49 -16.51
C ASN B 80 -2.78 -26.02 -15.47
N ILE B 81 -1.62 -25.56 -15.94
CA ILE B 81 -0.56 -25.11 -15.03
C ILE B 81 -0.95 -23.93 -14.14
N GLY B 82 -1.68 -22.96 -14.70
CA GLY B 82 -2.11 -21.81 -13.92
C GLY B 82 -2.98 -22.25 -12.74
N LYS B 83 -3.93 -23.14 -13.02
CA LYS B 83 -4.83 -23.64 -11.99
C LYS B 83 -4.02 -24.38 -10.93
N LEU B 84 -3.04 -25.14 -11.37
CA LEU B 84 -2.17 -25.87 -10.46
C LEU B 84 -1.43 -24.90 -9.53
N PHE B 85 -0.87 -23.82 -10.10
CA PHE B 85 -0.13 -22.87 -9.28
C PHE B 85 -1.03 -22.29 -8.19
N THR B 86 -2.30 -22.07 -8.54
CA THR B 86 -3.30 -21.53 -7.62
C THR B 86 -3.61 -22.47 -6.47
N ILE B 87 -3.86 -23.74 -6.79
CA ILE B 87 -4.18 -24.76 -5.80
C ILE B 87 -3.04 -24.91 -4.82
N ILE B 88 -1.82 -24.92 -5.34
CA ILE B 88 -0.64 -25.04 -4.52
C ILE B 88 -0.52 -23.82 -3.59
N GLU B 89 -0.78 -22.63 -4.14
CA GLU B 89 -0.70 -21.43 -3.31
C GLU B 89 -1.71 -21.47 -2.16
N LEU B 90 -2.98 -21.71 -2.47
CA LEU B 90 -4.03 -21.75 -1.47
C LEU B 90 -3.84 -22.88 -0.46
N GLN B 91 -3.51 -24.06 -0.95
CA GLN B 91 -3.28 -25.20 -0.06
C GLN B 91 -2.19 -24.87 0.96
N SER B 92 -1.12 -24.23 0.48
CA SER B 92 0.00 -23.87 1.36
C SER B 92 -0.43 -22.92 2.46
N VAL B 93 -1.35 -22.02 2.15
CA VAL B 93 -1.82 -21.08 3.15
C VAL B 93 -2.49 -21.85 4.29
N LEU B 94 -3.26 -22.87 3.94
CA LEU B 94 -3.94 -23.69 4.94
C LEU B 94 -2.91 -24.51 5.71
N VAL B 95 -2.07 -25.22 4.97
CA VAL B 95 -1.05 -26.05 5.59
C VAL B 95 -0.15 -25.26 6.54
N THR B 96 0.30 -24.10 6.10
CA THR B 96 1.19 -23.30 6.93
C THR B 96 0.52 -22.37 7.96
N THR B 97 -0.72 -21.96 7.76
CA THR B 97 -1.31 -21.03 8.72
C THR B 97 -2.64 -21.32 9.41
N TYR B 98 -3.40 -22.29 8.92
CA TYR B 98 -4.70 -22.57 9.52
C TYR B 98 -4.70 -22.80 11.02
N THR B 99 -3.77 -23.63 11.49
CA THR B 99 -3.68 -23.93 12.92
C THR B 99 -3.43 -22.68 13.75
N ASP B 100 -2.50 -21.84 13.31
CA ASP B 100 -2.19 -20.63 14.04
C ASP B 100 -3.31 -19.59 13.97
N ILE B 101 -4.06 -19.58 12.87
CA ILE B 101 -5.12 -18.59 12.68
C ILE B 101 -6.48 -18.97 13.21
N LEU B 102 -7.07 -20.04 12.68
CA LEU B 102 -8.39 -20.48 13.11
C LEU B 102 -8.29 -21.69 14.04
N GLY B 103 -7.19 -22.43 13.93
CA GLY B 103 -7.01 -23.60 14.77
C GLY B 103 -7.00 -23.23 16.24
N VAL B 104 -6.23 -22.20 16.57
CA VAL B 104 -6.11 -21.70 17.94
C VAL B 104 -7.46 -21.41 18.57
N LEU B 105 -8.43 -21.02 17.75
CA LEU B 105 -9.76 -20.67 18.23
C LEU B 105 -10.50 -21.75 19.02
N THR B 106 -9.99 -22.98 19.05
CA THR B 106 -10.70 -24.03 19.78
C THR B 106 -10.18 -24.51 21.14
N ILE B 107 -9.65 -23.59 21.96
CA ILE B 107 -9.16 -23.94 23.28
C ILE B 107 -9.06 -22.73 24.21
N ASN B 120 -22.55 5.81 32.15
CA ASN B 120 -22.20 7.24 32.23
C ASN B 120 -22.66 7.98 30.96
N VAL B 121 -22.92 7.17 29.94
CA VAL B 121 -23.35 7.58 28.60
C VAL B 121 -24.64 8.36 28.41
N THR B 122 -25.74 7.81 28.93
CA THR B 122 -27.06 8.41 28.78
C THR B 122 -27.16 9.89 29.15
N SER B 123 -26.11 10.41 29.80
CA SER B 123 -26.09 11.81 30.18
C SER B 123 -25.74 12.68 28.97
N MET B 124 -24.78 12.20 28.18
CA MET B 124 -24.31 12.90 26.99
C MET B 124 -25.25 12.80 25.80
N GLU B 125 -26.29 11.99 25.91
CA GLU B 125 -27.23 11.82 24.81
C GLU B 125 -27.80 13.14 24.29
N GLU B 126 -28.20 14.03 25.19
CA GLU B 126 -28.74 15.32 24.80
C GLU B 126 -27.69 16.13 24.04
N LEU B 127 -26.46 16.15 24.56
CA LEU B 127 -25.38 16.87 23.92
C LEU B 127 -25.18 16.29 22.52
N ALA B 128 -25.29 14.97 22.41
CA ALA B 128 -25.15 14.27 21.13
C ALA B 128 -26.24 14.71 20.14
N ARG B 129 -27.49 14.77 20.60
CA ARG B 129 -28.57 15.18 19.70
C ARG B 129 -28.31 16.60 19.20
N ASP B 130 -28.02 17.49 20.13
CA ASP B 130 -27.73 18.89 19.81
C ASP B 130 -26.68 19.01 18.70
N MET B 131 -25.59 18.28 18.85
CA MET B 131 -24.51 18.30 17.87
C MET B 131 -24.95 17.74 16.52
N LEU B 132 -25.59 16.57 16.55
CA LEU B 132 -26.04 15.90 15.33
C LEU B 132 -27.15 16.62 14.59
N ASN B 133 -28.16 17.12 15.31
CA ASN B 133 -29.27 17.82 14.67
C ASN B 133 -28.79 18.98 13.83
N SER B 134 -27.79 19.71 14.34
CA SER B 134 -27.25 20.84 13.59
C SER B 134 -26.60 20.41 12.30
N MET B 135 -26.15 19.15 12.25
CA MET B 135 -25.50 18.61 11.07
C MET B 135 -26.49 17.93 10.12
N ASN B 136 -27.69 17.63 10.62
CA ASN B 136 -28.69 16.98 9.79
C ASN B 136 -29.28 17.94 8.76
N VAL B 137 -28.61 18.09 7.61
CA VAL B 137 -29.08 19.02 6.59
C VAL B 137 -29.03 18.55 5.12
N ALA B 138 -28.99 17.24 4.89
CA ALA B 138 -28.91 16.74 3.51
C ALA B 138 -30.25 16.39 2.84
N VAL B 139 -30.18 16.25 1.52
CA VAL B 139 -31.31 15.91 0.64
C VAL B 139 -32.01 17.14 0.08
N VAL B 151 -25.18 -9.75 2.81
CA VAL B 151 -25.68 -9.88 4.19
C VAL B 151 -26.32 -11.24 4.45
N SER B 152 -25.48 -12.27 4.58
CA SER B 152 -25.97 -13.63 4.83
C SER B 152 -25.96 -13.94 6.33
N SER B 153 -26.83 -14.85 6.76
CA SER B 153 -26.93 -15.23 8.17
C SER B 153 -25.60 -15.79 8.64
N LEU B 154 -24.74 -16.11 7.69
CA LEU B 154 -23.44 -16.64 8.01
C LEU B 154 -22.74 -15.60 8.87
N VAL B 155 -23.21 -14.35 8.76
CA VAL B 155 -22.63 -13.25 9.52
C VAL B 155 -22.84 -13.43 11.02
N LYS B 156 -24.00 -13.96 11.40
CA LYS B 156 -24.28 -14.22 12.82
C LYS B 156 -23.21 -15.16 13.35
N ASN B 157 -22.90 -16.17 12.57
CA ASN B 157 -21.89 -17.15 12.95
C ASN B 157 -20.50 -16.57 12.90
N VAL B 158 -20.16 -15.94 11.77
CA VAL B 158 -18.85 -15.35 11.60
C VAL B 158 -18.62 -14.31 12.69
N ASN B 159 -19.65 -13.54 12.99
CA ASN B 159 -19.54 -12.51 14.03
C ASN B 159 -19.09 -13.12 15.36
N LYS B 160 -19.81 -14.15 15.80
CA LYS B 160 -19.48 -14.80 17.07
C LYS B 160 -18.07 -15.36 17.03
N LEU B 161 -17.62 -15.80 15.86
CA LEU B 161 -16.28 -16.36 15.74
C LEU B 161 -15.22 -15.27 15.89
N MET B 162 -15.52 -14.08 15.35
CA MET B 162 -14.60 -12.95 15.43
C MET B 162 -14.46 -12.43 16.86
N GLU B 163 -15.49 -12.66 17.67
CA GLU B 163 -15.46 -12.23 19.06
C GLU B 163 -14.33 -12.95 19.77
N GLU B 164 -14.18 -14.23 19.47
CA GLU B 164 -13.12 -15.03 20.05
C GLU B 164 -11.81 -14.67 19.37
N TYR B 165 -11.85 -14.52 18.04
CA TYR B 165 -10.65 -14.18 17.28
C TYR B 165 -9.94 -12.95 17.82
N LEU B 166 -10.69 -11.89 18.04
CA LEU B 166 -10.11 -10.65 18.56
C LEU B 166 -9.37 -10.89 19.87
N ARG B 167 -9.80 -11.89 20.63
CA ARG B 167 -9.16 -12.19 21.90
C ARG B 167 -7.86 -13.01 21.79
N ARG B 168 -7.77 -13.87 20.78
CA ARG B 168 -6.59 -14.71 20.59
C ARG B 168 -5.53 -14.08 19.70
N HIS B 169 -5.86 -12.98 19.05
CA HIS B 169 -4.90 -12.30 18.16
C HIS B 169 -4.84 -10.80 18.44
N ASN B 170 -4.53 -10.42 19.69
CA ASN B 170 -4.46 -9.00 20.07
C ASN B 170 -3.41 -8.23 19.30
N LYS B 171 -2.31 -8.89 18.97
CA LYS B 171 -1.19 -8.26 18.28
C LYS B 171 -1.37 -8.06 16.79
N SER B 172 -2.20 -8.90 16.16
CA SER B 172 -2.38 -8.80 14.71
C SER B 172 -3.77 -8.40 14.26
N CYS B 173 -4.71 -8.25 15.20
CA CYS B 173 -6.06 -7.87 14.85
C CYS B 173 -6.62 -6.89 15.86
N ILE B 174 -7.06 -5.74 15.36
CA ILE B 174 -7.62 -4.70 16.21
C ILE B 174 -9.04 -4.37 15.70
N CYS B 175 -9.90 -3.97 16.61
CA CYS B 175 -11.28 -3.64 16.28
C CYS B 175 -11.63 -2.15 16.38
N TYR B 176 -12.61 -1.72 15.60
CA TYR B 176 -13.09 -0.34 15.63
C TYR B 176 -14.55 -0.35 15.22
N GLY B 177 -15.19 0.81 15.29
CA GLY B 177 -16.60 0.87 14.93
C GLY B 177 -17.54 0.38 16.01
N SER B 178 -18.78 0.10 15.62
CA SER B 178 -19.84 -0.37 16.53
C SER B 178 -19.47 -1.32 17.65
N TYR B 179 -18.99 -2.51 17.27
CA TYR B 179 -18.61 -3.52 18.25
C TYR B 179 -17.66 -2.96 19.30
N SER B 180 -16.63 -2.26 18.85
CA SER B 180 -15.66 -1.71 19.79
C SER B 180 -16.34 -0.78 20.79
N LEU B 181 -17.37 -0.07 20.35
CA LEU B 181 -18.09 0.85 21.23
C LEU B 181 -19.12 0.12 22.06
N TYR B 182 -19.58 -1.02 21.54
CA TYR B 182 -20.54 -1.87 22.23
C TYR B 182 -19.88 -2.44 23.49
N LEU B 183 -18.58 -2.69 23.42
CA LEU B 183 -17.84 -3.21 24.56
C LEU B 183 -17.78 -2.16 25.66
N ILE B 184 -17.98 -0.90 25.27
CA ILE B 184 -17.96 0.20 26.21
C ILE B 184 -19.39 0.45 26.66
N ASN B 185 -20.32 0.34 25.73
CA ASN B 185 -21.72 0.57 26.03
C ASN B 185 -22.60 -0.52 25.38
N PRO B 186 -22.94 -1.56 26.17
CA PRO B 186 -23.77 -2.70 25.76
C PRO B 186 -25.04 -2.32 25.00
N ASN B 187 -25.46 -1.08 25.13
CA ASN B 187 -26.65 -0.59 24.47
C ASN B 187 -26.42 -0.40 22.98
N ILE B 188 -25.16 -0.32 22.58
CA ILE B 188 -24.82 -0.14 21.17
C ILE B 188 -25.16 -1.40 20.40
N ARG B 189 -25.84 -1.23 19.27
CA ARG B 189 -26.19 -2.35 18.42
C ARG B 189 -25.16 -2.41 17.31
N TYR B 190 -24.75 -3.60 16.92
CA TYR B 190 -23.75 -3.72 15.87
C TYR B 190 -24.12 -4.77 14.86
N GLY B 191 -23.92 -4.45 13.58
CA GLY B 191 -24.25 -5.39 12.52
C GLY B 191 -23.07 -6.29 12.16
N ASP B 192 -21.87 -5.74 12.22
CA ASP B 192 -20.66 -6.48 11.91
C ASP B 192 -19.57 -6.03 12.87
N ILE B 193 -18.39 -6.61 12.74
CA ILE B 193 -17.27 -6.25 13.60
C ILE B 193 -16.16 -5.76 12.67
N ASP B 194 -15.82 -4.46 12.77
CA ASP B 194 -14.79 -3.84 11.94
C ASP B 194 -13.40 -4.10 12.49
N ILE B 195 -12.52 -4.59 11.63
CA ILE B 195 -11.17 -4.92 12.05
C ILE B 195 -10.05 -4.49 11.10
N LEU B 196 -8.89 -4.26 11.69
CA LEU B 196 -7.68 -3.92 10.96
C LEU B 196 -6.77 -5.08 11.35
N GLN B 197 -6.04 -5.62 10.39
CA GLN B 197 -5.15 -6.74 10.68
C GLN B 197 -3.83 -6.60 9.92
N THR B 198 -2.78 -7.24 10.44
CA THR B 198 -1.49 -7.21 9.78
C THR B 198 -1.39 -8.45 8.87
N ASN B 199 -2.44 -9.25 8.81
CA ASN B 199 -2.42 -10.45 7.96
C ASN B 199 -3.80 -10.76 7.34
N SER B 200 -4.49 -9.73 6.88
CA SER B 200 -5.82 -9.91 6.28
C SER B 200 -5.99 -11.05 5.28
N ARG B 201 -5.17 -11.05 4.21
CA ARG B 201 -5.27 -12.09 3.19
C ARG B 201 -5.17 -13.51 3.74
N THR B 202 -4.16 -13.78 4.54
CA THR B 202 -3.99 -15.11 5.10
C THR B 202 -5.25 -15.45 5.90
N PHE B 203 -5.69 -14.50 6.70
CA PHE B 203 -6.88 -14.70 7.51
C PHE B 203 -8.10 -14.93 6.64
N LEU B 204 -8.32 -14.06 5.66
CA LEU B 204 -9.50 -14.21 4.82
C LEU B 204 -9.49 -15.53 4.02
N ILE B 205 -8.30 -15.95 3.59
CA ILE B 205 -8.23 -17.21 2.84
C ILE B 205 -8.55 -18.38 3.77
N ASP B 206 -8.01 -18.35 4.99
CA ASP B 206 -8.29 -19.42 5.93
C ASP B 206 -9.77 -19.48 6.25
N LEU B 207 -10.35 -18.32 6.53
CA LEU B 207 -11.77 -18.27 6.85
C LEU B 207 -12.63 -18.70 5.67
N ALA B 208 -12.25 -18.28 4.46
CA ALA B 208 -13.01 -18.65 3.28
C ALA B 208 -13.05 -20.17 3.15
N PHE B 209 -11.91 -20.82 3.36
CA PHE B 209 -11.86 -22.27 3.26
C PHE B 209 -12.73 -22.92 4.35
N LEU B 210 -12.61 -22.43 5.57
CA LEU B 210 -13.39 -22.98 6.68
C LEU B 210 -14.88 -22.98 6.32
N ILE B 211 -15.36 -21.85 5.83
CA ILE B 211 -16.76 -21.70 5.43
C ILE B 211 -17.09 -22.63 4.28
N LYS B 212 -16.17 -22.70 3.31
CA LYS B 212 -16.35 -23.55 2.14
C LYS B 212 -16.55 -25.00 2.56
N PHE B 213 -15.66 -25.47 3.43
CA PHE B 213 -15.71 -26.85 3.92
C PHE B 213 -16.96 -27.18 4.75
N ILE B 214 -17.32 -26.30 5.68
CA ILE B 214 -18.49 -26.52 6.50
C ILE B 214 -19.77 -26.40 5.68
N THR B 215 -19.92 -25.26 5.02
CA THR B 215 -21.09 -24.94 4.20
C THR B 215 -21.24 -25.67 2.86
N GLY B 216 -20.14 -25.82 2.13
CA GLY B 216 -20.19 -26.51 0.86
C GLY B 216 -20.48 -25.56 -0.29
N ASN B 217 -20.71 -24.31 0.08
CA ASN B 217 -20.98 -23.23 -0.87
C ASN B 217 -19.71 -22.43 -1.24
N ASN B 218 -19.61 -22.08 -2.52
CA ASN B 218 -18.47 -21.37 -3.11
C ASN B 218 -18.38 -19.87 -2.83
N ILE B 219 -17.56 -19.49 -1.86
CA ILE B 219 -17.38 -18.09 -1.52
C ILE B 219 -16.30 -17.47 -2.40
N ILE B 220 -16.38 -16.16 -2.61
CA ILE B 220 -15.40 -15.46 -3.43
C ILE B 220 -14.75 -14.34 -2.63
N LEU B 221 -13.43 -14.23 -2.74
CA LEU B 221 -12.69 -13.18 -2.07
C LEU B 221 -12.44 -12.14 -3.14
N SER B 222 -12.67 -10.88 -2.83
CA SER B 222 -12.41 -9.86 -3.82
C SER B 222 -11.71 -8.66 -3.22
N LYS B 223 -10.96 -7.97 -4.06
CA LYS B 223 -10.25 -6.81 -3.63
C LYS B 223 -10.82 -5.61 -4.33
N ILE B 224 -11.14 -4.59 -3.53
CA ILE B 224 -11.70 -3.30 -3.98
C ILE B 224 -10.63 -2.18 -4.13
N PRO B 225 -10.46 -1.68 -5.39
CA PRO B 225 -9.53 -0.64 -5.86
C PRO B 225 -9.44 0.66 -5.15
N TYR B 226 -10.61 1.23 -4.86
CA TYR B 226 -10.68 2.52 -4.18
C TYR B 226 -10.57 2.45 -2.67
N LEU B 227 -10.27 1.28 -2.16
CA LEU B 227 -10.09 1.13 -0.72
C LEU B 227 -8.63 0.67 -0.60
N ARG B 228 -7.97 1.03 0.50
CA ARG B 228 -6.55 0.67 0.66
C ARG B 228 -6.30 -0.65 1.36
N ASN B 229 -5.68 -1.57 0.63
CA ASN B 229 -5.36 -2.89 1.16
C ASN B 229 -6.62 -3.52 1.75
N TYR B 230 -7.71 -3.43 1.02
CA TYR B 230 -8.99 -3.95 1.46
C TYR B 230 -9.42 -5.23 0.74
N MET B 231 -9.93 -6.20 1.49
CA MET B 231 -10.42 -7.45 0.93
C MET B 231 -11.70 -7.91 1.63
N VAL B 232 -12.60 -8.54 0.87
CA VAL B 232 -13.88 -8.97 1.39
C VAL B 232 -14.30 -10.37 0.93
N ILE B 233 -14.94 -11.12 1.83
CA ILE B 233 -15.44 -12.46 1.49
C ILE B 233 -16.96 -12.35 1.26
N LYS B 234 -17.41 -12.72 0.07
CA LYS B 234 -18.82 -12.69 -0.27
C LYS B 234 -19.25 -14.11 -0.59
N ASP B 235 -20.50 -14.45 -0.28
CA ASP B 235 -20.98 -15.80 -0.57
C ASP B 235 -21.29 -16.04 -2.04
N GLU B 236 -21.75 -17.25 -2.32
CA GLU B 236 -22.12 -17.72 -3.63
C GLU B 236 -23.05 -16.75 -4.34
N ASN B 237 -23.84 -16.01 -3.56
CA ASN B 237 -24.80 -15.04 -4.10
C ASN B 237 -24.41 -13.57 -3.97
N ASP B 238 -23.12 -13.30 -3.82
CA ASP B 238 -22.61 -11.93 -3.69
C ASP B 238 -23.06 -11.25 -2.39
N ASN B 239 -23.46 -12.05 -1.41
CA ASN B 239 -23.88 -11.50 -0.12
C ASN B 239 -22.62 -11.33 0.75
N HIS B 240 -22.48 -10.14 1.34
CA HIS B 240 -21.35 -9.80 2.19
C HIS B 240 -21.23 -10.73 3.39
N ILE B 241 -20.03 -11.25 3.64
CA ILE B 241 -19.81 -12.14 4.79
C ILE B 241 -18.93 -11.47 5.84
N ILE B 242 -17.78 -10.97 5.40
CA ILE B 242 -16.82 -10.34 6.31
C ILE B 242 -15.71 -9.68 5.48
N ASP B 243 -15.19 -8.55 5.95
CA ASP B 243 -14.11 -7.88 5.23
C ASP B 243 -12.99 -7.49 6.18
N SER B 244 -11.88 -7.03 5.62
CA SER B 244 -10.72 -6.65 6.44
C SER B 244 -9.78 -5.70 5.72
N PHE B 245 -9.15 -4.81 6.49
CA PHE B 245 -8.18 -3.86 5.96
C PHE B 245 -6.79 -4.29 6.42
N ASN B 246 -5.85 -4.39 5.51
CA ASN B 246 -4.50 -4.77 5.90
C ASN B 246 -3.63 -3.56 6.23
N ILE B 247 -2.85 -3.68 7.29
CA ILE B 247 -1.91 -2.59 7.65
C ILE B 247 -0.58 -3.21 8.05
N ARG B 248 0.51 -2.50 7.88
CA ARG B 248 1.79 -3.07 8.26
C ARG B 248 2.02 -2.91 9.76
N GLN B 249 2.99 -3.66 10.27
CA GLN B 249 3.32 -3.62 11.68
C GLN B 249 3.59 -2.17 12.13
N ASP B 250 4.24 -1.38 11.27
CA ASP B 250 4.54 0.03 11.59
C ASP B 250 3.24 0.70 12.04
N THR B 251 2.27 0.67 11.13
CA THR B 251 0.98 1.28 11.33
C THR B 251 0.29 0.75 12.59
N MET B 252 0.23 -0.58 12.71
CA MET B 252 -0.40 -1.21 13.85
C MET B 252 0.21 -0.70 15.17
N ASN B 253 1.53 -0.53 15.19
CA ASN B 253 2.20 -0.06 16.39
C ASN B 253 1.85 1.37 16.80
N VAL B 254 1.56 2.23 15.83
CA VAL B 254 1.23 3.64 16.13
C VAL B 254 -0.25 4.00 16.25
N VAL B 255 -1.12 3.08 15.91
CA VAL B 255 -2.55 3.33 15.99
C VAL B 255 -2.94 3.44 17.46
N PRO B 256 -3.58 4.55 17.86
CA PRO B 256 -3.99 4.73 19.26
C PRO B 256 -4.96 3.62 19.63
N LYS B 257 -4.58 2.80 20.60
CA LYS B 257 -5.43 1.69 21.02
C LYS B 257 -5.67 1.61 22.51
N ILE B 258 -6.74 0.91 22.86
CA ILE B 258 -7.15 0.71 24.24
C ILE B 258 -7.38 -0.78 24.43
N PHE B 259 -7.00 -1.30 25.59
CA PHE B 259 -7.20 -2.72 25.91
C PHE B 259 -8.52 -2.88 26.65
N ILE B 260 -9.42 -3.68 26.09
CA ILE B 260 -10.75 -3.89 26.68
C ILE B 260 -11.19 -5.34 26.47
N ASP B 261 -11.61 -6.00 27.54
CA ASP B 261 -12.08 -7.39 27.44
C ASP B 261 -11.11 -8.28 26.69
N ASN B 262 -9.83 -8.16 26.99
CA ASN B 262 -8.81 -8.96 26.34
C ASN B 262 -8.76 -8.83 24.82
N ILE B 263 -9.08 -7.63 24.34
CA ILE B 263 -9.04 -7.33 22.92
C ILE B 263 -8.60 -5.88 22.76
N TYR B 264 -8.00 -5.55 21.63
CA TYR B 264 -7.60 -4.17 21.40
C TYR B 264 -8.64 -3.50 20.49
N ILE B 265 -9.00 -2.27 20.83
CA ILE B 265 -9.94 -1.52 20.01
C ILE B 265 -9.21 -0.23 19.70
N VAL B 266 -9.56 0.39 18.59
CA VAL B 266 -8.95 1.65 18.26
C VAL B 266 -9.46 2.62 19.31
N ASP B 267 -8.56 3.43 19.86
CA ASP B 267 -8.91 4.40 20.88
C ASP B 267 -10.18 5.16 20.46
N PRO B 268 -11.23 5.11 21.31
CA PRO B 268 -12.49 5.81 20.99
C PRO B 268 -12.28 7.29 20.70
N THR B 269 -11.17 7.84 21.19
CA THR B 269 -10.84 9.24 20.96
C THR B 269 -10.52 9.40 19.49
N PHE B 270 -9.75 8.45 18.96
CA PHE B 270 -9.34 8.48 17.56
C PHE B 270 -10.55 8.20 16.68
N GLN B 271 -11.43 7.31 17.13
CA GLN B 271 -12.63 6.97 16.37
C GLN B 271 -13.57 8.15 16.31
N LEU B 272 -13.61 8.93 17.39
CA LEU B 272 -14.46 10.12 17.43
C LEU B 272 -13.95 11.07 16.35
N LEU B 273 -12.64 11.20 16.28
CA LEU B 273 -12.01 12.09 15.31
C LEU B 273 -12.36 11.66 13.89
N ASN B 274 -12.36 10.35 13.64
CA ASN B 274 -12.70 9.86 12.32
C ASN B 274 -14.17 10.06 12.02
N MET B 275 -15.01 9.96 13.04
CA MET B 275 -16.44 10.16 12.83
C MET B 275 -16.70 11.57 12.32
N ILE B 276 -16.01 12.54 12.91
CA ILE B 276 -16.14 13.93 12.52
C ILE B 276 -15.71 14.13 11.06
N LYS B 277 -14.62 13.47 10.67
CA LYS B 277 -14.13 13.56 9.29
C LYS B 277 -15.12 12.87 8.37
N MET B 278 -15.73 11.80 8.87
CA MET B 278 -16.70 11.04 8.10
C MET B 278 -17.97 11.81 7.74
N PHE B 279 -18.45 12.65 8.65
CA PHE B 279 -19.67 13.41 8.36
C PHE B 279 -19.47 14.38 7.23
N SER B 280 -18.21 14.59 6.82
CA SER B 280 -17.93 15.49 5.72
C SER B 280 -18.31 14.83 4.40
N GLN B 281 -18.36 13.50 4.38
CA GLN B 281 -18.74 12.75 3.17
C GLN B 281 -20.25 12.84 3.02
N ILE B 282 -20.70 13.34 1.87
CA ILE B 282 -22.11 13.50 1.56
C ILE B 282 -22.99 12.30 1.90
N ASP B 283 -22.55 11.13 1.47
CA ASP B 283 -23.28 9.88 1.70
C ASP B 283 -23.56 9.66 3.20
N ARG B 284 -22.58 9.96 4.03
CA ARG B 284 -22.72 9.77 5.47
C ARG B 284 -23.76 10.69 6.10
N LEU B 285 -23.80 11.94 5.66
CA LEU B 285 -24.80 12.85 6.19
C LEU B 285 -26.18 12.35 5.77
N GLU B 286 -26.29 11.83 4.55
CA GLU B 286 -27.56 11.32 4.09
C GLU B 286 -27.95 10.17 5.01
N ASP B 287 -26.97 9.39 5.47
CA ASP B 287 -27.30 8.29 6.37
C ASP B 287 -27.78 8.88 7.70
N LEU B 288 -27.15 9.96 8.13
CA LEU B 288 -27.51 10.60 9.39
C LEU B 288 -28.97 11.04 9.43
N SER B 289 -29.50 11.50 8.30
CA SER B 289 -30.88 11.95 8.26
C SER B 289 -31.86 10.78 8.22
N LYS B 290 -31.50 9.73 7.49
CA LYS B 290 -32.35 8.55 7.39
C LYS B 290 -32.66 8.01 8.79
N ASP B 291 -31.63 7.88 9.63
CA ASP B 291 -31.79 7.37 10.99
C ASP B 291 -30.87 8.13 11.96
N PRO B 292 -31.33 9.27 12.49
CA PRO B 292 -30.52 10.07 13.42
C PRO B 292 -30.20 9.33 14.73
N GLU B 293 -31.15 8.52 15.20
CA GLU B 293 -31.00 7.76 16.44
C GLU B 293 -29.77 6.86 16.46
N LYS B 294 -29.47 6.24 15.32
CA LYS B 294 -28.33 5.34 15.21
C LYS B 294 -27.03 6.02 15.65
N PHE B 295 -26.82 7.24 15.20
CA PHE B 295 -25.61 7.97 15.54
C PHE B 295 -25.55 8.60 16.95
N ASN B 296 -26.70 8.86 17.55
CA ASN B 296 -26.77 9.46 18.89
C ASN B 296 -26.04 8.59 19.91
N ALA B 297 -26.33 7.31 19.86
CA ALA B 297 -25.74 6.34 20.76
C ALA B 297 -24.21 6.28 20.64
N ARG B 298 -23.72 6.11 19.42
CA ARG B 298 -22.27 6.03 19.19
C ARG B 298 -21.60 7.37 19.54
N MET B 299 -22.22 8.46 19.12
CA MET B 299 -21.69 9.78 19.40
C MET B 299 -21.57 9.96 20.90
N ALA B 300 -22.68 9.76 21.59
CA ALA B 300 -22.73 9.91 23.04
C ALA B 300 -21.68 9.05 23.75
N THR B 301 -21.56 7.80 23.34
CA THR B 301 -20.60 6.92 23.98
C THR B 301 -19.18 7.47 23.88
N MET B 302 -18.81 7.95 22.70
CA MET B 302 -17.48 8.53 22.50
C MET B 302 -17.30 9.84 23.26
N LEU B 303 -18.33 10.68 23.29
CA LEU B 303 -18.24 11.95 24.02
C LEU B 303 -17.97 11.67 25.48
N GLU B 304 -18.73 10.72 26.01
CA GLU B 304 -18.61 10.28 27.39
C GLU B 304 -17.17 9.92 27.70
N TYR B 305 -16.65 8.98 26.91
CA TYR B 305 -15.29 8.48 27.05
C TYR B 305 -14.26 9.60 27.13
N VAL B 306 -14.32 10.51 26.16
CA VAL B 306 -13.39 11.63 26.10
C VAL B 306 -13.45 12.55 27.32
N ARG B 307 -14.68 12.89 27.73
CA ARG B 307 -14.86 13.76 28.88
C ARG B 307 -14.21 13.11 30.10
N TYR B 308 -14.55 11.86 30.35
CA TYR B 308 -14.00 11.13 31.49
C TYR B 308 -12.49 10.86 31.39
N THR B 309 -12.07 10.42 30.21
CA THR B 309 -10.67 10.08 29.94
C THR B 309 -9.69 11.24 29.80
N HIS B 310 -10.12 12.33 29.18
CA HIS B 310 -9.22 13.46 28.98
C HIS B 310 -9.61 14.72 29.74
N GLY B 311 -10.63 14.60 30.60
CA GLY B 311 -11.07 15.76 31.35
C GLY B 311 -11.43 16.93 30.47
N ILE B 312 -12.16 16.65 29.39
CA ILE B 312 -12.57 17.69 28.46
C ILE B 312 -13.92 18.28 28.91
N VAL B 313 -13.95 19.60 29.07
CA VAL B 313 -15.17 20.29 29.50
C VAL B 313 -15.97 20.76 28.30
N PHE B 314 -17.27 20.49 28.31
CA PHE B 314 -18.14 20.87 27.20
C PHE B 314 -18.94 22.14 27.36
N ASP B 315 -18.27 23.28 27.23
CA ASP B 315 -18.95 24.57 27.29
C ASP B 315 -18.92 25.05 25.84
N GLY B 316 -20.00 25.68 25.37
CA GLY B 316 -20.03 26.14 23.98
C GLY B 316 -18.87 27.05 23.63
N LYS B 317 -17.78 26.90 24.36
CA LYS B 317 -16.64 27.72 24.16
C LYS B 317 -15.45 27.03 23.56
N ARG B 318 -15.20 27.39 22.32
CA ARG B 318 -14.01 26.98 21.63
C ARG B 318 -13.70 27.55 20.27
N ASN B 319 -12.88 28.54 20.56
CA ASN B 319 -12.17 29.51 19.79
C ASN B 319 -11.29 28.89 18.75
N ASN B 320 -10.89 29.71 17.79
CA ASN B 320 -9.97 29.29 16.74
C ASN B 320 -10.22 27.91 16.18
N MET B 321 -11.17 27.15 16.73
CA MET B 321 -11.38 25.84 16.17
C MET B 321 -11.90 26.08 14.76
N PRO B 322 -12.68 25.16 14.15
CA PRO B 322 -13.02 25.58 12.79
C PRO B 322 -12.01 26.61 12.30
N MET B 323 -10.75 26.17 12.17
CA MET B 323 -9.67 27.03 11.71
C MET B 323 -9.76 27.25 10.19
N LYS B 324 -10.02 28.50 9.83
CA LYS B 324 -10.17 28.93 8.45
C LYS B 324 -9.75 27.90 7.38
N CYS B 325 -10.69 27.60 6.48
CA CYS B 325 -10.45 26.65 5.41
C CYS B 325 -10.86 27.33 4.11
N ILE B 326 -9.89 27.62 3.25
CA ILE B 326 -10.19 28.29 1.99
C ILE B 326 -9.98 27.33 0.81
N ILE B 327 -11.00 27.20 -0.04
CA ILE B 327 -10.88 26.32 -1.20
C ILE B 327 -10.43 27.06 -2.45
N ASP B 328 -9.52 26.41 -3.16
CA ASP B 328 -9.08 26.91 -4.45
C ASP B 328 -9.73 25.86 -5.33
N GLU B 329 -10.98 26.13 -5.73
CA GLU B 329 -11.75 25.19 -6.55
C GLU B 329 -11.12 24.66 -7.83
N ASN B 330 -10.27 25.46 -8.48
CA ASN B 330 -9.66 25.00 -9.71
C ASN B 330 -8.54 23.99 -9.52
N ASN B 331 -7.73 24.20 -8.48
CA ASN B 331 -6.62 23.27 -8.23
C ASN B 331 -7.03 22.21 -7.24
N ARG B 332 -8.27 22.30 -6.76
CA ARG B 332 -8.80 21.35 -5.80
C ARG B 332 -7.86 21.17 -4.59
N ILE B 333 -7.55 22.28 -3.95
CA ILE B 333 -6.71 22.27 -2.77
C ILE B 333 -7.35 23.19 -1.73
N VAL B 334 -7.54 22.66 -0.52
CA VAL B 334 -8.11 23.47 0.54
C VAL B 334 -6.97 23.87 1.48
N THR B 335 -6.78 25.18 1.64
CA THR B 335 -5.75 25.68 2.55
C THR B 335 -6.37 25.79 3.94
N VAL B 336 -5.68 25.25 4.92
CA VAL B 336 -6.15 25.30 6.30
C VAL B 336 -5.12 26.06 7.13
N THR B 337 -5.48 27.26 7.56
CA THR B 337 -4.59 28.06 8.39
C THR B 337 -4.56 27.41 9.76
N THR B 338 -3.39 26.86 10.09
CA THR B 338 -3.14 26.11 11.33
C THR B 338 -2.16 26.77 12.30
N LYS B 339 -1.60 27.91 11.92
CA LYS B 339 -0.62 28.58 12.76
C LYS B 339 -1.04 28.86 14.20
N ASP B 340 -2.35 28.82 14.48
CA ASP B 340 -2.83 29.06 15.84
C ASP B 340 -2.62 27.84 16.74
N TYR B 341 -2.72 26.66 16.16
CA TYR B 341 -2.57 25.44 16.95
C TYR B 341 -1.32 24.62 16.73
N PHE B 342 -0.63 24.81 15.60
CA PHE B 342 0.55 24.02 15.32
C PHE B 342 1.76 24.81 14.87
N SER B 343 2.91 24.13 14.83
CA SER B 343 4.17 24.71 14.42
C SER B 343 4.18 25.08 12.94
N PHE B 344 3.51 24.27 12.12
CA PHE B 344 3.46 24.57 10.69
C PHE B 344 2.40 25.64 10.47
N LYS B 345 2.76 26.64 9.68
CA LYS B 345 1.89 27.77 9.36
C LYS B 345 0.53 27.31 8.85
N LYS B 346 0.56 26.52 7.78
CA LYS B 346 -0.66 26.04 7.17
C LYS B 346 -0.55 24.61 6.66
N CYS B 347 -1.70 24.05 6.34
CA CYS B 347 -1.80 22.69 5.81
C CYS B 347 -2.53 22.73 4.48
N LEU B 348 -1.85 22.31 3.42
CA LEU B 348 -2.47 22.25 2.10
C LEU B 348 -3.12 20.86 1.99
N VAL B 349 -4.45 20.84 1.87
CA VAL B 349 -5.19 19.58 1.76
C VAL B 349 -5.61 19.33 0.31
N TYR B 350 -4.98 18.37 -0.33
CA TYR B 350 -5.31 18.03 -1.71
C TYR B 350 -6.53 17.13 -1.77
N LEU B 351 -7.31 17.27 -2.84
CA LEU B 351 -8.51 16.45 -3.03
C LEU B 351 -8.25 15.35 -4.05
N ASP B 352 -7.06 15.42 -4.66
CA ASP B 352 -6.61 14.44 -5.67
C ASP B 352 -5.31 13.86 -5.16
N GLU B 353 -5.36 12.61 -4.70
CA GLU B 353 -4.19 11.98 -4.16
C GLU B 353 -3.03 11.86 -5.15
N ASN B 354 -3.31 11.59 -6.42
CA ASN B 354 -2.21 11.49 -7.37
C ASN B 354 -1.52 12.83 -7.53
N VAL B 355 -2.27 13.93 -7.44
CA VAL B 355 -1.64 15.25 -7.56
C VAL B 355 -0.73 15.49 -6.35
N LEU B 356 -1.17 15.06 -5.18
CA LEU B 356 -0.38 15.22 -3.97
C LEU B 356 0.93 14.44 -4.10
N SER B 357 0.80 13.16 -4.45
CA SER B 357 1.94 12.26 -4.61
C SER B 357 2.99 12.81 -5.57
N SER B 358 2.53 13.38 -6.67
CA SER B 358 3.43 13.94 -7.67
C SER B 358 4.09 15.23 -7.15
N ASP B 359 3.30 16.07 -6.49
CA ASP B 359 3.82 17.32 -5.93
C ASP B 359 4.82 17.03 -4.80
N ILE B 360 4.58 15.98 -4.02
CA ILE B 360 5.53 15.66 -2.96
C ILE B 360 6.86 15.21 -3.60
N LEU B 361 6.78 14.41 -4.66
CA LEU B 361 7.99 13.98 -5.35
C LEU B 361 8.75 15.20 -5.87
N ASP B 362 8.00 16.19 -6.40
CA ASP B 362 8.62 17.41 -6.92
C ASP B 362 9.42 18.11 -5.82
N LEU B 363 8.97 17.99 -4.57
CA LEU B 363 9.66 18.60 -3.44
C LEU B 363 10.86 17.79 -2.99
N ASN B 364 11.11 16.68 -3.66
CA ASN B 364 12.22 15.78 -3.32
C ASN B 364 12.06 15.24 -1.90
N ALA B 365 10.81 15.07 -1.46
CA ALA B 365 10.54 14.57 -0.11
C ALA B 365 10.28 13.06 -0.15
N ASP B 366 11.16 12.28 0.46
CA ASP B 366 11.01 10.82 0.43
C ASP B 366 10.47 10.16 1.68
N THR B 367 10.22 10.92 2.74
CA THR B 367 9.74 10.29 3.96
C THR B 367 8.42 10.78 4.54
N SER B 368 7.40 10.91 3.69
CA SER B 368 6.08 11.34 4.12
C SER B 368 5.51 10.22 4.98
N CYS B 369 4.94 10.58 6.13
CA CYS B 369 4.35 9.60 7.02
C CYS B 369 3.07 9.01 6.44
N ASP B 370 3.04 7.69 6.26
CA ASP B 370 1.86 7.02 5.74
C ASP B 370 1.19 6.14 6.80
N PHE B 371 -0.14 6.17 6.86
CA PHE B 371 -0.86 5.36 7.82
C PHE B 371 -1.95 4.51 7.16
N GLU B 372 -1.82 4.32 5.85
CA GLU B 372 -2.72 3.52 5.05
C GLU B 372 -4.21 3.83 5.26
N SER B 373 -5.05 2.80 5.35
CA SER B 373 -6.47 3.04 5.51
C SER B 373 -6.84 3.79 6.79
N VAL B 374 -5.98 3.75 7.78
CA VAL B 374 -6.26 4.45 9.04
C VAL B 374 -6.52 5.96 8.83
N THR B 375 -5.82 6.57 7.88
CA THR B 375 -6.02 7.99 7.61
C THR B 375 -6.29 8.21 6.14
N ASN B 376 -6.02 7.17 5.35
CA ASN B 376 -6.24 7.24 3.92
C ASN B 376 -5.50 8.44 3.34
N SER B 377 -4.27 8.62 3.81
CA SER B 377 -3.45 9.70 3.34
C SER B 377 -2.10 9.76 4.04
N VAL B 378 -1.15 10.32 3.32
CA VAL B 378 0.20 10.53 3.78
C VAL B 378 0.16 11.93 4.43
N TYR B 379 1.17 12.27 5.22
CA TYR B 379 1.24 13.60 5.82
C TYR B 379 2.69 13.99 5.76
N LEU B 380 2.95 15.18 5.21
CA LEU B 380 4.30 15.67 5.09
C LEU B 380 4.45 17.11 5.62
N ILE B 381 5.42 17.33 6.49
CA ILE B 381 5.67 18.67 6.97
C ILE B 381 6.95 19.04 6.24
N HIS B 382 6.87 20.05 5.39
CA HIS B 382 8.04 20.49 4.63
C HIS B 382 8.06 22.01 4.63
N ASP B 383 9.19 22.57 5.07
CA ASP B 383 9.36 24.02 5.15
C ASP B 383 8.14 24.59 5.88
N ASN B 384 7.90 23.97 7.01
CA ASN B 384 6.83 24.32 7.93
C ASN B 384 5.45 24.43 7.29
N ILE B 385 5.21 23.61 6.26
CA ILE B 385 3.91 23.55 5.60
C ILE B 385 3.53 22.07 5.55
N MET B 386 2.34 21.74 6.06
CA MET B 386 1.92 20.36 6.01
C MET B 386 1.20 20.09 4.68
N TYR B 387 1.48 18.93 4.09
CA TYR B 387 0.85 18.52 2.83
C TYR B 387 0.09 17.22 3.09
N THR B 388 -1.18 17.16 2.70
CA THR B 388 -1.94 15.94 2.95
C THR B 388 -3.12 15.84 1.97
N TYR B 389 -3.84 14.73 2.04
CA TYR B 389 -4.96 14.48 1.14
C TYR B 389 -6.21 14.14 1.95
N PHE B 390 -7.36 14.62 1.47
CA PHE B 390 -8.63 14.41 2.15
C PHE B 390 -9.48 13.50 1.27
N SER B 391 -9.81 12.32 1.79
CA SER B 391 -10.56 11.32 1.03
C SER B 391 -12.08 11.43 0.96
N ASN B 392 -12.66 12.42 1.63
CA ASN B 392 -14.10 12.58 1.58
C ASN B 392 -14.47 13.82 0.78
N THR B 393 -15.75 13.95 0.43
CA THR B 393 -16.23 15.11 -0.29
C THR B 393 -16.10 16.34 0.62
N ILE B 394 -15.95 17.51 0.03
CA ILE B 394 -15.86 18.74 0.79
C ILE B 394 -17.18 19.48 0.56
N LEU B 395 -17.95 19.65 1.62
CA LEU B 395 -19.24 20.34 1.56
C LEU B 395 -19.00 21.85 1.51
N LEU B 396 -19.81 22.56 0.73
CA LEU B 396 -19.72 24.01 0.60
C LEU B 396 -21.01 24.65 1.09
N SER B 397 -20.90 25.80 1.75
CA SER B 397 -22.09 26.50 2.23
C SER B 397 -22.50 27.52 1.17
N ASP B 398 -21.52 27.95 0.38
CA ASP B 398 -21.76 28.91 -0.68
C ASP B 398 -20.66 28.73 -1.73
N LYS B 399 -20.73 29.48 -2.82
CA LYS B 399 -19.73 29.39 -3.89
C LYS B 399 -18.36 29.66 -3.30
N GLY B 400 -17.43 28.76 -3.53
CA GLY B 400 -16.09 28.93 -3.02
C GLY B 400 -15.99 29.01 -1.49
N LYS B 401 -17.03 28.60 -0.78
CA LYS B 401 -16.98 28.64 0.69
C LYS B 401 -17.15 27.25 1.31
N VAL B 402 -16.23 26.87 2.19
CA VAL B 402 -16.29 25.57 2.84
C VAL B 402 -17.33 25.58 3.96
N HIS B 403 -18.16 24.53 3.98
CA HIS B 403 -19.18 24.39 4.99
C HIS B 403 -18.52 24.01 6.32
N GLU B 404 -18.98 24.62 7.41
CA GLU B 404 -18.38 24.32 8.72
C GLU B 404 -18.32 22.83 9.05
N ILE B 405 -19.19 22.01 8.45
CA ILE B 405 -19.12 20.58 8.75
C ILE B 405 -17.82 19.99 8.17
N SER B 406 -17.43 20.46 6.99
CA SER B 406 -16.21 19.99 6.34
C SER B 406 -14.98 20.59 7.00
N ALA B 407 -15.12 21.82 7.49
CA ALA B 407 -14.02 22.50 8.19
C ALA B 407 -13.65 21.69 9.41
N ARG B 408 -14.65 21.18 10.13
CA ARG B 408 -14.38 20.36 11.31
C ARG B 408 -13.77 19.04 10.85
N GLY B 409 -14.20 18.57 9.68
CA GLY B 409 -13.67 17.33 9.16
C GLY B 409 -12.20 17.49 8.81
N LEU B 410 -11.86 18.59 8.16
CA LEU B 410 -10.48 18.85 7.79
C LEU B 410 -9.66 18.93 9.05
N CYS B 411 -10.15 19.71 10.01
CA CYS B 411 -9.46 19.87 11.27
C CYS B 411 -9.24 18.50 11.93
N ALA B 412 -10.28 17.67 11.90
CA ALA B 412 -10.18 16.36 12.51
C ALA B 412 -9.12 15.53 11.79
N HIS B 413 -9.09 15.63 10.47
CA HIS B 413 -8.11 14.89 9.66
C HIS B 413 -6.68 15.22 10.10
N ILE B 414 -6.41 16.49 10.38
CA ILE B 414 -5.09 16.88 10.83
C ILE B 414 -4.82 16.32 12.22
N LEU B 415 -5.81 16.39 13.11
CA LEU B 415 -5.64 15.86 14.46
C LEU B 415 -5.34 14.36 14.49
N LEU B 416 -5.75 13.63 13.45
CA LEU B 416 -5.47 12.18 13.41
C LEU B 416 -3.95 11.99 13.39
N TYR B 417 -3.28 12.88 12.68
CA TYR B 417 -1.84 12.86 12.55
C TYR B 417 -1.20 13.12 13.90
N GLN B 418 -1.75 14.09 14.62
CA GLN B 418 -1.22 14.43 15.94
C GLN B 418 -1.30 13.20 16.84
N MET B 419 -2.41 12.49 16.76
CA MET B 419 -2.59 11.28 17.55
C MET B 419 -1.61 10.18 17.12
N LEU B 420 -1.47 9.98 15.81
CA LEU B 420 -0.57 8.96 15.30
C LEU B 420 0.91 9.22 15.61
N THR B 421 1.24 10.46 15.97
CA THR B 421 2.62 10.82 16.24
C THR B 421 2.85 11.30 17.67
N SER B 422 1.93 10.96 18.56
CA SER B 422 2.05 11.38 19.95
C SER B 422 2.37 12.87 20.06
N GLY B 423 1.66 13.67 19.28
CA GLY B 423 1.85 15.11 19.33
C GLY B 423 0.72 15.68 20.15
N GLU B 424 0.69 17.00 20.30
CA GLU B 424 -0.37 17.66 21.06
C GLU B 424 -1.66 17.71 20.23
N TYR B 425 -2.80 17.49 20.88
CA TYR B 425 -4.09 17.49 20.19
C TYR B 425 -5.29 17.69 21.13
N LYS B 426 -5.07 17.45 22.42
CA LYS B 426 -6.11 17.58 23.44
C LYS B 426 -6.93 18.87 23.41
N GLN B 427 -6.25 20.02 23.50
CA GLN B 427 -6.93 21.31 23.51
C GLN B 427 -7.72 21.50 22.24
N CYS B 428 -7.08 21.18 21.12
CA CYS B 428 -7.70 21.34 19.82
C CYS B 428 -8.94 20.45 19.70
N LEU B 429 -8.85 19.24 20.25
CA LEU B 429 -9.99 18.34 20.21
C LEU B 429 -11.14 18.93 21.03
N SER B 430 -10.81 19.53 22.16
CA SER B 430 -11.80 20.15 23.02
C SER B 430 -12.45 21.30 22.25
N ASP B 431 -11.61 22.11 21.61
CA ASP B 431 -12.11 23.23 20.85
C ASP B 431 -13.01 22.76 19.70
N LEU B 432 -12.65 21.62 19.12
CA LEU B 432 -13.42 21.07 18.01
C LEU B 432 -14.81 20.64 18.42
N LEU B 433 -14.89 19.90 19.50
CA LEU B 433 -16.17 19.44 19.99
C LEU B 433 -17.04 20.60 20.43
N ASN B 434 -16.47 21.51 21.23
CA ASN B 434 -17.23 22.66 21.70
C ASN B 434 -17.80 23.52 20.58
N SER B 435 -17.13 23.52 19.42
CA SER B 435 -17.58 24.32 18.29
C SER B 435 -18.77 23.67 17.59
N MET B 436 -19.07 22.44 17.98
CA MET B 436 -20.19 21.71 17.41
C MET B 436 -21.47 22.01 18.19
N MET B 437 -21.32 22.72 19.30
CA MET B 437 -22.46 23.06 20.16
C MET B 437 -23.19 24.36 19.82
N ASN B 438 -24.49 24.38 20.11
CA ASN B 438 -25.34 25.54 19.88
C ASN B 438 -25.13 26.07 18.48
N ARG B 439 -25.37 25.21 17.49
CA ARG B 439 -25.20 25.60 16.12
C ARG B 439 -26.51 25.57 15.34
N ASP B 440 -26.68 26.52 14.44
CA ASP B 440 -27.88 26.57 13.63
C ASP B 440 -27.55 25.77 12.39
N LYS B 441 -28.51 25.01 11.90
CA LYS B 441 -28.30 24.24 10.69
C LYS B 441 -27.95 25.19 9.56
N ILE B 442 -26.98 24.80 8.73
CA ILE B 442 -26.61 25.57 7.57
C ILE B 442 -26.81 24.61 6.40
N PRO B 443 -27.59 25.01 5.40
CA PRO B 443 -27.80 24.10 4.27
C PRO B 443 -26.56 23.87 3.44
N ILE B 444 -26.54 22.73 2.75
CA ILE B 444 -25.43 22.38 1.88
C ILE B 444 -25.72 22.94 0.51
N TYR B 445 -24.85 23.83 0.03
CA TYR B 445 -25.03 24.44 -1.28
C TYR B 445 -24.50 23.53 -2.39
N SER B 446 -23.44 22.80 -2.08
CA SER B 446 -22.84 21.94 -3.08
C SER B 446 -21.69 21.20 -2.41
N HIS B 447 -20.99 20.36 -3.17
CA HIS B 447 -19.85 19.65 -2.64
C HIS B 447 -18.90 19.21 -3.73
N THR B 448 -17.64 19.00 -3.36
CA THR B 448 -16.65 18.54 -4.32
C THR B 448 -16.83 17.04 -4.47
N GLU B 449 -16.34 16.50 -5.57
CA GLU B 449 -16.40 15.06 -5.81
C GLU B 449 -15.04 14.52 -5.36
N ARG B 450 -14.99 13.23 -5.02
CA ARG B 450 -13.75 12.59 -4.61
C ARG B 450 -13.01 12.32 -5.92
N ASP B 451 -11.69 12.11 -5.85
CA ASP B 451 -10.92 11.80 -7.05
C ASP B 451 -11.22 10.34 -7.44
N LYS B 452 -11.10 10.00 -8.72
CA LYS B 452 -11.37 8.61 -9.08
C LYS B 452 -10.12 7.79 -8.78
N LYS B 453 -10.32 6.55 -8.34
CA LYS B 453 -9.20 5.68 -8.01
C LYS B 453 -9.22 4.47 -8.95
N PRO B 454 -8.36 4.48 -9.97
CA PRO B 454 -8.23 3.43 -10.98
C PRO B 454 -7.84 2.09 -10.36
N GLY B 455 -8.04 1.03 -11.14
CA GLY B 455 -7.69 -0.29 -10.66
C GLY B 455 -8.76 -1.30 -10.97
N ARG B 456 -8.35 -2.55 -10.94
CA ARG B 456 -9.22 -3.67 -11.23
C ARG B 456 -9.83 -4.22 -9.95
N HIS B 457 -10.98 -4.89 -10.09
CA HIS B 457 -11.64 -5.53 -8.96
C HIS B 457 -11.06 -6.95 -8.94
N GLY B 458 -10.07 -7.16 -8.07
CA GLY B 458 -9.43 -8.46 -7.98
C GLY B 458 -10.22 -9.50 -7.22
N PHE B 459 -9.84 -10.77 -7.37
CA PHE B 459 -10.56 -11.83 -6.67
C PHE B 459 -9.86 -13.17 -6.68
N ILE B 460 -10.25 -13.99 -5.72
CA ILE B 460 -9.75 -15.36 -5.57
C ILE B 460 -11.00 -16.23 -5.64
N ASN B 461 -11.04 -17.13 -6.61
CA ASN B 461 -12.15 -18.04 -6.79
C ASN B 461 -11.66 -19.45 -6.57
N ILE B 462 -11.76 -19.91 -5.33
CA ILE B 462 -11.29 -21.24 -4.96
C ILE B 462 -11.77 -22.38 -5.87
N GLU B 463 -13.08 -22.55 -6.02
CA GLU B 463 -13.56 -23.65 -6.85
C GLU B 463 -13.14 -23.59 -8.31
N LYS B 464 -12.93 -22.39 -8.85
CA LYS B 464 -12.50 -22.28 -10.25
C LYS B 464 -10.98 -22.25 -10.40
N ASP B 465 -10.26 -22.35 -9.29
CA ASP B 465 -8.80 -22.35 -9.31
C ASP B 465 -8.26 -21.09 -10.02
N ILE B 466 -8.85 -19.94 -9.69
CA ILE B 466 -8.46 -18.69 -10.30
C ILE B 466 -8.13 -17.59 -9.29
N ILE B 467 -7.03 -16.89 -9.54
CA ILE B 467 -6.61 -15.76 -8.72
C ILE B 467 -6.31 -14.68 -9.75
N VAL B 468 -7.01 -13.56 -9.68
CA VAL B 468 -6.78 -12.46 -10.63
C VAL B 468 -6.68 -11.11 -9.91
N PHE B 469 -5.50 -10.50 -9.99
CA PHE B 469 -5.27 -9.18 -9.40
C PHE B 469 -4.66 -8.23 -10.43
CA CA C . -19.45 -1.40 11.46
CA CA D . -17.49 -3.01 8.26
PG AGS E . -22.94 -0.18 11.43
S1G AGS E . -23.59 -0.73 13.06
O2G AGS E . -23.55 -1.19 10.35
O3G AGS E . -23.43 1.27 10.96
PB AGS E . -20.60 1.07 12.17
O1B AGS E . -20.26 0.87 13.58
O2B AGS E . -21.40 2.46 12.13
O3B AGS E . -21.34 -0.22 11.51
PA AGS E . -18.97 2.02 10.19
O1A AGS E . -19.48 1.36 8.98
O2A AGS E . -19.72 3.41 10.39
O3A AGS E . -19.17 1.04 11.45
O5' AGS E . -17.42 2.48 10.07
C5' AGS E . -16.88 2.57 11.40
C4' AGS E . -16.06 3.82 11.68
O4' AGS E . -15.07 4.06 10.65
C3' AGS E . -16.92 5.10 11.78
O3' AGS E . -17.51 5.24 13.08
C2' AGS E . -15.84 6.17 11.46
O2' AGS E . -15.08 6.55 12.61
C1' AGS E . -14.94 5.47 10.41
N9 AGS E . -15.38 5.85 9.05
C8 AGS E . -16.28 5.22 8.24
N7 AGS E . -16.41 5.84 7.11
C5 AGS E . -15.63 6.94 7.13
C6 AGS E . -15.32 7.99 6.21
N6 AGS E . -16.01 8.07 5.02
N1 AGS E . -14.42 8.93 6.58
C2 AGS E . -13.76 8.91 7.75
N3 AGS E . -14.02 7.95 8.64
C4 AGS E . -14.90 6.94 8.35
PG AGS F . -5.42 -27.65 17.19
S1G AGS F . -7.19 -27.33 17.65
O2G AGS F . -5.23 -27.40 18.79
O3G AGS F . -5.50 -26.36 16.27
PB AGS F . -2.75 -28.39 16.34
O1B AGS F . -3.23 -28.10 14.98
O2B AGS F . -2.66 -30.00 16.46
O3B AGS F . -3.82 -27.88 17.46
PA AGS F . -0.10 -27.44 15.56
O1A AGS F . 0.56 -26.20 16.02
O2A AGS F . -0.58 -27.09 14.07
O3A AGS F . -1.28 -27.75 16.66
O5' AGS F . 0.99 -28.62 15.50
C5' AGS F . 1.99 -28.35 14.51
C4' AGS F . 2.63 -29.65 13.98
O4' AGS F . 1.69 -30.74 13.83
C3' AGS F . 3.33 -29.57 12.61
O3' AGS F . 4.39 -30.57 12.53
C2' AGS F . 2.13 -29.77 11.66
O2' AGS F . 2.53 -30.27 10.38
C1' AGS F . 1.29 -30.81 12.44
N9 AGS F . -0.18 -30.57 12.33
C8 AGS F . -1.03 -29.94 13.21
N7 AGS F . -2.27 -29.87 12.81
C5 AGS F . -2.31 -30.48 11.63
C6 AGS F . -3.30 -30.75 10.66
N6 AGS F . -4.60 -30.34 10.89
N1 AGS F . -2.93 -31.42 9.57
C2 AGS F . -1.67 -31.83 9.35
N3 AGS F . -0.69 -31.60 10.19
C4 AGS F . -0.98 -30.93 11.31
#